data_3D0E
#
_entry.id   3D0E
#
_cell.length_a   116.489
_cell.length_b   116.489
_cell.length_c   45.119
_cell.angle_alpha   90.000
_cell.angle_beta   90.000
_cell.angle_gamma   120.000
#
_symmetry.space_group_name_H-M   'P 32'
#
loop_
_entity.id
_entity.type
_entity.pdbx_description
1 polymer 'RAC-beta serine/threonine-protein kinase'
2 non-polymer '4-{2-(4-amino-1,2,5-oxadiazol-3-yl)-1-ethyl-7-[(3S)-piperidin-3-ylmethoxy]-1H-imidazo[4,5-c]pyridin-4-yl}-2-methylbut-3 -yn-2-ol'
3 water water
#
_entity_poly.entity_id   1
_entity_poly.type   'polypeptide(L)'
_entity_poly.pdbx_seq_one_letter_code
;KVTMNDFDYLKLLGKGTFGKVILVREKATGRYYAMKILRKEVIIAKDEVAHTVTESRVLQNTRHPFLTALKYAFQTHDRL
CFVMEYANGGELFFHLSRERVFTEERARFYGAEIVSALEYLHSRDVVYRDIKLENLMLDKDGHIKITDFGLCKEGISDGA
TMK(TPO)FCGTPEYLAPEVLEDNDYGRAVDWWGLGVVMYEMMCGRLPFYNQDHERLFELILMEEIRFPRTLSPEAKSLL
AGLLKKDPKQRLGGGPSDAKEVMEHRFFLSINWQDVVQKKLLPPFKPQVTSEVDTRYFDDEFTAQSITI(TPO)PPDRYD
SLGLLELDQRTHFPQFDYSASIR
;
_entity_poly.pdbx_strand_id   A,B
#
# COMPACT_ATOMS: atom_id res chain seq x y z
N LYS A 1 -17.57 -35.35 14.16
CA LYS A 1 -16.94 -34.02 13.97
C LYS A 1 -15.51 -34.18 13.45
N VAL A 2 -15.22 -33.54 12.31
CA VAL A 2 -13.93 -33.66 11.66
C VAL A 2 -12.88 -32.82 12.40
N THR A 3 -11.71 -33.41 12.63
CA THR A 3 -10.64 -32.75 13.40
C THR A 3 -9.32 -32.78 12.66
N MET A 4 -8.34 -32.10 13.22
CA MET A 4 -7.01 -31.97 12.62
C MET A 4 -6.31 -33.34 12.51
N ASN A 5 -6.43 -34.18 13.54
CA ASN A 5 -5.74 -35.48 13.53
C ASN A 5 -6.43 -36.58 12.71
N ASP A 6 -7.47 -36.21 11.96
CA ASP A 6 -8.10 -37.11 10.98
C ASP A 6 -7.34 -37.17 9.66
N PHE A 7 -6.27 -36.38 9.52
CA PHE A 7 -5.50 -36.29 8.28
C PHE A 7 -4.00 -36.44 8.53
N ASP A 8 -3.31 -37.04 7.56
CA ASP A 8 -1.84 -36.98 7.49
C ASP A 8 -1.45 -35.75 6.66
N TYR A 9 -0.39 -35.07 7.08
CA TYR A 9 0.06 -33.82 6.44
C TYR A 9 1.35 -34.06 5.69
N LEU A 10 1.26 -34.03 4.36
CA LEU A 10 2.30 -34.62 3.50
C LEU A 10 3.23 -33.60 2.87
N LYS A 11 2.68 -32.58 2.22
CA LYS A 11 3.48 -31.59 1.50
C LYS A 11 2.82 -30.21 1.50
N LEU A 12 3.64 -29.17 1.64
CA LEU A 12 3.15 -27.80 1.53
C LEU A 12 2.99 -27.46 0.05
N LEU A 13 1.78 -27.11 -0.35
CA LEU A 13 1.46 -26.80 -1.75
C LEU A 13 1.59 -25.30 -2.01
N GLY A 14 1.29 -24.49 -1.00
CA GLY A 14 1.35 -23.04 -1.13
C GLY A 14 1.18 -22.35 0.20
N LYS A 15 1.74 -21.15 0.32
CA LYS A 15 1.70 -20.37 1.55
C LYS A 15 1.65 -18.87 1.24
N GLY A 16 0.92 -18.14 2.07
CA GLY A 16 0.87 -16.68 1.98
C GLY A 16 0.52 -16.08 3.33
N THR A 17 0.32 -14.76 3.35
CA THR A 17 -0.04 -14.07 4.59
C THR A 17 -1.44 -14.53 5.06
N PHE A 18 -2.27 -14.94 4.10
CA PHE A 18 -3.58 -15.53 4.36
C PHE A 18 -3.51 -16.77 5.26
N GLY A 19 -2.54 -17.63 4.98
CA GLY A 19 -2.46 -18.95 5.60
C GLY A 19 -1.68 -19.90 4.71
N LYS A 20 -2.02 -21.18 4.75
CA LYS A 20 -1.31 -22.20 3.97
C LYS A 20 -2.22 -23.28 3.46
N VAL A 21 -1.77 -23.94 2.38
CA VAL A 21 -2.49 -25.04 1.77
C VAL A 21 -1.55 -26.24 1.79
N ILE A 22 -2.04 -27.38 2.30
CA ILE A 22 -1.22 -28.59 2.44
C ILE A 22 -1.89 -29.79 1.75
N LEU A 23 -1.08 -30.62 1.10
CA LEU A 23 -1.52 -31.89 0.55
C LEU A 23 -1.67 -32.86 1.72
N VAL A 24 -2.89 -33.33 1.95
CA VAL A 24 -3.19 -34.25 3.06
C VAL A 24 -3.75 -35.57 2.56
N ARG A 25 -3.66 -36.60 3.40
CA ARG A 25 -4.29 -37.88 3.19
C ARG A 25 -5.34 -38.08 4.27
N GLU A 26 -6.57 -38.40 3.88
CA GLU A 26 -7.63 -38.69 4.83
C GLU A 26 -7.38 -40.10 5.37
N LYS A 27 -7.10 -40.20 6.66
CA LYS A 27 -6.72 -41.47 7.30
C LYS A 27 -7.72 -42.58 7.03
N ALA A 28 -9.00 -42.28 7.20
CA ALA A 28 -10.08 -43.26 7.12
C ALA A 28 -10.19 -43.92 5.73
N THR A 29 -10.07 -43.11 4.68
CA THR A 29 -10.27 -43.57 3.30
C THR A 29 -8.99 -43.75 2.51
N GLY A 30 -7.92 -43.08 2.93
CA GLY A 30 -6.67 -43.10 2.21
C GLY A 30 -6.70 -42.26 0.93
N ARG A 31 -7.71 -41.40 0.79
CA ARG A 31 -7.79 -40.52 -0.36
C ARG A 31 -7.10 -39.20 -0.09
N TYR A 32 -6.64 -38.56 -1.16
CA TYR A 32 -5.83 -37.36 -1.03
C TYR A 32 -6.66 -36.14 -1.35
N TYR A 33 -6.45 -35.08 -0.57
CA TYR A 33 -7.12 -33.80 -0.72
C TYR A 33 -6.12 -32.67 -0.46
N ALA A 34 -6.54 -31.46 -0.80
CA ALA A 34 -5.83 -30.25 -0.37
C ALA A 34 -6.56 -29.66 0.82
N MET A 35 -5.82 -29.18 1.81
CA MET A 35 -6.40 -28.52 2.97
C MET A 35 -5.87 -27.08 3.12
N LYS A 36 -6.78 -26.12 3.01
CA LYS A 36 -6.45 -24.72 3.24
C LYS A 36 -6.65 -24.44 4.74
N ILE A 37 -5.59 -24.03 5.42
CA ILE A 37 -5.62 -23.77 6.85
C ILE A 37 -5.40 -22.28 7.10
N LEU A 38 -6.39 -21.65 7.74
CA LEU A 38 -6.33 -20.23 8.08
C LEU A 38 -6.39 -20.04 9.59
N ARG A 39 -5.60 -19.08 10.09
CA ARG A 39 -5.64 -18.72 11.51
C ARG A 39 -6.73 -17.69 11.75
N LYS A 40 -7.59 -17.95 12.74
CA LYS A 40 -8.69 -17.06 13.09
C LYS A 40 -8.18 -15.67 13.49
N GLU A 41 -7.08 -15.64 14.25
CA GLU A 41 -6.42 -14.41 14.68
C GLU A 41 -6.14 -13.47 13.51
N VAL A 42 -5.58 -14.02 12.44
CA VAL A 42 -5.23 -13.25 11.25
C VAL A 42 -6.48 -12.77 10.51
N ILE A 43 -7.45 -13.66 10.37
CA ILE A 43 -8.70 -13.35 9.67
C ILE A 43 -9.47 -12.21 10.36
N ILE A 44 -9.54 -12.27 11.68
CA ILE A 44 -10.22 -11.24 12.46
C ILE A 44 -9.50 -9.89 12.36
N ALA A 45 -8.19 -9.89 12.58
CA ALA A 45 -7.37 -8.69 12.47
C ALA A 45 -7.51 -8.00 11.11
N LYS A 46 -7.62 -8.80 10.05
CA LYS A 46 -7.71 -8.29 8.69
C LYS A 46 -9.13 -7.90 8.27
N ASP A 47 -10.11 -8.12 9.14
CA ASP A 47 -11.52 -7.83 8.84
C ASP A 47 -12.02 -8.65 7.64
N GLU A 48 -11.69 -9.95 7.64
CA GLU A 48 -12.08 -10.86 6.57
C GLU A 48 -13.04 -11.96 7.05
N VAL A 49 -13.70 -11.74 8.18
CA VAL A 49 -14.59 -12.76 8.75
C VAL A 49 -15.73 -13.08 7.78
N ALA A 50 -16.47 -12.05 7.36
CA ALA A 50 -17.59 -12.22 6.43
C ALA A 50 -17.18 -12.84 5.09
N HIS A 51 -16.01 -12.47 4.59
CA HIS A 51 -15.50 -13.03 3.36
C HIS A 51 -15.23 -14.53 3.48
N THR A 52 -14.64 -14.95 4.60
CA THR A 52 -14.29 -16.36 4.84
C THR A 52 -15.52 -17.24 5.10
N VAL A 53 -16.52 -16.68 5.78
CA VAL A 53 -17.76 -17.39 6.02
C VAL A 53 -18.47 -17.60 4.68
N THR A 54 -18.49 -16.54 3.87
CA THR A 54 -19.03 -16.59 2.51
C THR A 54 -18.33 -17.65 1.66
N GLU A 55 -17.01 -17.74 1.78
CA GLU A 55 -16.23 -18.74 1.04
C GLU A 55 -16.80 -20.14 1.27
N SER A 56 -17.04 -20.50 2.53
CA SER A 56 -17.66 -21.79 2.85
C SER A 56 -19.10 -21.87 2.35
N ARG A 57 -19.91 -20.86 2.67
CA ARG A 57 -21.33 -20.89 2.30
C ARG A 57 -21.54 -21.08 0.79
N VAL A 58 -20.75 -20.38 -0.02
CA VAL A 58 -20.86 -20.52 -1.47
C VAL A 58 -20.50 -21.93 -1.91
N LEU A 59 -19.34 -22.42 -1.46
CA LEU A 59 -18.87 -23.77 -1.81
C LEU A 59 -19.82 -24.90 -1.40
N GLN A 60 -20.57 -24.70 -0.32
CA GLN A 60 -21.52 -25.71 0.16
C GLN A 60 -22.63 -25.99 -0.86
N ASN A 61 -23.00 -24.99 -1.65
CA ASN A 61 -24.12 -25.10 -2.57
C ASN A 61 -23.76 -25.12 -4.07
N THR A 62 -22.53 -24.77 -4.43
CA THR A 62 -22.09 -24.78 -5.83
C THR A 62 -21.72 -26.18 -6.30
N ARG A 63 -22.15 -26.52 -7.51
CA ARG A 63 -21.67 -27.73 -8.18
C ARG A 63 -21.58 -27.55 -9.70
N HIS A 64 -20.34 -27.64 -10.19
CA HIS A 64 -20.03 -27.37 -11.57
C HIS A 64 -18.68 -28.02 -11.84
N PRO A 65 -18.48 -28.60 -13.02
CA PRO A 65 -17.23 -29.33 -13.29
C PRO A 65 -15.94 -28.54 -13.09
N PHE A 66 -15.99 -27.23 -13.30
CA PHE A 66 -14.79 -26.40 -13.27
C PHE A 66 -14.70 -25.49 -12.03
N LEU A 67 -15.49 -25.79 -11.00
CA LEU A 67 -15.31 -25.20 -9.68
C LEU A 67 -14.79 -26.27 -8.71
N THR A 68 -13.79 -25.92 -7.91
CA THR A 68 -13.25 -26.86 -6.91
C THR A 68 -14.36 -27.26 -5.93
N ALA A 69 -14.49 -28.55 -5.68
CA ALA A 69 -15.51 -29.06 -4.78
C ALA A 69 -14.96 -29.14 -3.36
N LEU A 70 -15.75 -28.66 -2.40
CA LEU A 70 -15.42 -28.71 -0.98
C LEU A 70 -15.91 -30.02 -0.37
N LYS A 71 -15.01 -30.74 0.30
CA LYS A 71 -15.35 -31.97 1.03
C LYS A 71 -15.80 -31.66 2.45
N TYR A 72 -14.95 -30.97 3.21
CA TYR A 72 -15.28 -30.51 4.56
C TYR A 72 -14.89 -29.06 4.79
N ALA A 73 -15.68 -28.36 5.60
CA ALA A 73 -15.24 -27.15 6.28
C ALA A 73 -15.32 -27.42 7.79
N PHE A 74 -14.22 -27.25 8.50
CA PHE A 74 -14.22 -27.39 9.96
C PHE A 74 -13.27 -26.41 10.64
N GLN A 75 -13.32 -26.36 11.96
CA GLN A 75 -12.58 -25.36 12.71
C GLN A 75 -12.08 -25.91 14.04
N THR A 76 -11.00 -25.32 14.54
CA THR A 76 -10.48 -25.59 15.87
C THR A 76 -10.56 -24.29 16.67
N HIS A 77 -10.01 -24.31 17.88
CA HIS A 77 -10.03 -23.12 18.75
C HIS A 77 -9.35 -21.91 18.11
N ASP A 78 -8.36 -22.13 17.25
CA ASP A 78 -7.66 -21.02 16.59
C ASP A 78 -7.50 -21.15 15.06
N ARG A 79 -8.14 -22.14 14.43
CA ARG A 79 -8.00 -22.34 12.98
C ARG A 79 -9.32 -22.65 12.27
N LEU A 80 -9.32 -22.37 10.97
CA LEU A 80 -10.40 -22.73 10.06
C LEU A 80 -9.79 -23.59 8.97
N CYS A 81 -10.42 -24.71 8.64
CA CYS A 81 -9.88 -25.64 7.65
C CYS A 81 -10.86 -25.99 6.55
N PHE A 82 -10.43 -25.79 5.30
CA PHE A 82 -11.15 -26.23 4.12
C PHE A 82 -10.46 -27.47 3.57
N VAL A 83 -11.18 -28.59 3.50
CA VAL A 83 -10.70 -29.78 2.81
C VAL A 83 -11.38 -29.87 1.45
N MET A 84 -10.58 -29.90 0.39
CA MET A 84 -11.11 -29.81 -0.97
C MET A 84 -10.35 -30.68 -1.96
N GLU A 85 -10.88 -30.78 -3.17
CA GLU A 85 -10.24 -31.52 -4.25
C GLU A 85 -8.81 -31.01 -4.48
N TYR A 86 -7.86 -31.93 -4.52
CA TYR A 86 -6.49 -31.62 -4.90
C TYR A 86 -6.40 -31.49 -6.42
N ALA A 87 -6.06 -30.29 -6.88
CA ALA A 87 -5.87 -30.04 -8.31
C ALA A 87 -4.44 -30.46 -8.67
N ASN A 88 -4.29 -31.71 -9.08
CA ASN A 88 -2.97 -32.32 -9.33
C ASN A 88 -2.14 -31.56 -10.38
N GLY A 89 -2.81 -30.89 -11.30
CA GLY A 89 -2.15 -30.19 -12.41
C GLY A 89 -1.57 -28.81 -12.09
N GLY A 90 -1.73 -28.34 -10.86
CA GLY A 90 -1.19 -27.02 -10.45
C GLY A 90 -1.93 -25.83 -11.07
N GLU A 91 -1.37 -24.64 -10.85
CA GLU A 91 -1.90 -23.37 -11.34
C GLU A 91 -1.52 -23.10 -12.78
N LEU A 92 -2.39 -22.41 -13.52
CA LEU A 92 -2.03 -21.91 -14.84
C LEU A 92 -0.84 -20.96 -14.79
N PHE A 93 -0.71 -20.23 -13.68
CA PHE A 93 0.46 -19.38 -13.46
C PHE A 93 1.77 -20.18 -13.60
N PHE A 94 1.80 -21.37 -13.01
CA PHE A 94 2.96 -22.27 -13.08
C PHE A 94 3.30 -22.63 -14.53
N HIS A 95 2.27 -23.02 -15.28
CA HIS A 95 2.43 -23.51 -16.65
C HIS A 95 2.81 -22.39 -17.62
N LEU A 96 2.19 -21.23 -17.45
CA LEU A 96 2.51 -20.06 -18.28
C LEU A 96 3.90 -19.52 -17.98
N SER A 97 4.31 -19.56 -16.71
CA SER A 97 5.66 -19.17 -16.32
C SER A 97 6.72 -20.08 -16.95
N ARG A 98 6.39 -21.35 -17.10
CA ARG A 98 7.26 -22.31 -17.77
C ARG A 98 7.25 -22.13 -19.28
N GLU A 99 6.05 -22.09 -19.87
CA GLU A 99 5.89 -22.10 -21.32
C GLU A 99 5.88 -20.72 -21.97
N ARG A 100 5.67 -19.68 -21.16
CA ARG A 100 5.69 -18.28 -21.59
C ARG A 100 4.42 -17.82 -22.33
N VAL A 101 3.90 -18.65 -23.23
CA VAL A 101 2.71 -18.30 -24.00
C VAL A 101 1.93 -19.58 -24.35
N PHE A 102 0.61 -19.46 -24.42
CA PHE A 102 -0.25 -20.52 -24.94
C PHE A 102 -0.68 -20.16 -26.35
N THR A 103 -0.94 -21.18 -27.16
CA THR A 103 -1.52 -20.98 -28.47
C THR A 103 -2.93 -20.42 -28.27
N GLU A 104 -3.46 -19.76 -29.29
CA GLU A 104 -4.83 -19.26 -29.21
C GLU A 104 -5.81 -20.40 -28.97
N GLU A 105 -5.49 -21.57 -29.53
CA GLU A 105 -6.32 -22.77 -29.37
C GLU A 105 -6.39 -23.23 -27.92
N ARG A 106 -5.24 -23.26 -27.24
CA ARG A 106 -5.20 -23.71 -25.86
C ARG A 106 -5.82 -22.69 -24.91
N ALA A 107 -5.56 -21.42 -25.17
CA ALA A 107 -6.21 -20.33 -24.47
C ALA A 107 -7.72 -20.43 -24.62
N ARG A 108 -8.18 -20.75 -25.83
CA ARG A 108 -9.61 -20.89 -26.07
C ARG A 108 -10.24 -21.99 -25.21
N PHE A 109 -9.54 -23.11 -25.08
CA PHE A 109 -10.02 -24.23 -24.27
C PHE A 109 -10.23 -23.80 -22.82
N TYR A 110 -9.19 -23.25 -22.21
CA TYR A 110 -9.28 -22.76 -20.83
C TYR A 110 -10.33 -21.65 -20.68
N GLY A 111 -10.31 -20.70 -21.62
CA GLY A 111 -11.28 -19.60 -21.65
C GLY A 111 -12.72 -20.07 -21.68
N ALA A 112 -13.01 -21.06 -22.51
CA ALA A 112 -14.35 -21.65 -22.60
C ALA A 112 -14.81 -22.22 -21.26
N GLU A 113 -13.93 -22.96 -20.60
CA GLU A 113 -14.25 -23.57 -19.31
C GLU A 113 -14.45 -22.54 -18.20
N ILE A 114 -13.64 -21.48 -18.21
CA ILE A 114 -13.78 -20.39 -17.23
C ILE A 114 -15.11 -19.65 -17.47
N VAL A 115 -15.44 -19.38 -18.73
CA VAL A 115 -16.70 -18.71 -19.09
C VAL A 115 -17.90 -19.52 -18.61
N SER A 116 -17.83 -20.84 -18.77
CA SER A 116 -18.88 -21.76 -18.31
C SER A 116 -19.11 -21.63 -16.80
N ALA A 117 -18.02 -21.64 -16.05
CA ALA A 117 -18.05 -21.47 -14.59
C ALA A 117 -18.58 -20.10 -14.19
N LEU A 118 -18.11 -19.05 -14.83
CA LEU A 118 -18.59 -17.69 -14.56
C LEU A 118 -20.06 -17.52 -14.92
N GLU A 119 -20.52 -18.14 -16.00
CA GLU A 119 -21.94 -18.13 -16.34
C GLU A 119 -22.75 -18.76 -15.21
N TYR A 120 -22.29 -19.91 -14.73
CA TYR A 120 -22.97 -20.65 -13.67
C TYR A 120 -23.05 -19.82 -12.39
N LEU A 121 -21.92 -19.28 -11.96
CA LEU A 121 -21.86 -18.43 -10.75
C LEU A 121 -22.75 -17.20 -10.88
N HIS A 122 -22.67 -16.50 -12.01
CA HIS A 122 -23.49 -15.31 -12.25
C HIS A 122 -24.99 -15.62 -12.30
N SER A 123 -25.35 -16.77 -12.86
CA SER A 123 -26.74 -17.23 -12.88
C SER A 123 -27.30 -17.41 -11.46
N ARG A 124 -26.41 -17.76 -10.52
CA ARG A 124 -26.75 -17.90 -9.11
C ARG A 124 -26.43 -16.64 -8.29
N ASP A 125 -26.26 -15.50 -8.98
CA ASP A 125 -26.01 -14.19 -8.36
C ASP A 125 -24.75 -14.13 -7.50
N VAL A 126 -23.72 -14.88 -7.90
CA VAL A 126 -22.41 -14.83 -7.26
C VAL A 126 -21.40 -14.14 -8.18
N VAL A 127 -20.75 -13.10 -7.68
CA VAL A 127 -19.63 -12.47 -8.38
C VAL A 127 -18.37 -12.99 -7.71
N TYR A 128 -17.45 -13.52 -8.51
CA TYR A 128 -16.25 -14.18 -7.98
C TYR A 128 -15.14 -13.20 -7.57
N ARG A 129 -14.92 -12.17 -8.39
CA ARG A 129 -14.04 -11.03 -8.09
C ARG A 129 -12.52 -11.29 -8.02
N ASP A 130 -12.08 -12.54 -8.12
CA ASP A 130 -10.64 -12.81 -8.03
C ASP A 130 -10.12 -13.68 -9.18
N ILE A 131 -10.63 -13.46 -10.38
CA ILE A 131 -10.13 -14.19 -11.55
C ILE A 131 -8.68 -13.82 -11.80
N LYS A 132 -7.80 -14.81 -11.70
CA LYS A 132 -6.39 -14.65 -12.04
C LYS A 132 -5.75 -16.01 -12.29
N LEU A 133 -4.56 -16.02 -12.89
CA LEU A 133 -3.88 -17.27 -13.25
C LEU A 133 -3.57 -18.15 -12.03
N GLU A 134 -3.26 -17.49 -10.92
CA GLU A 134 -3.00 -18.13 -9.63
C GLU A 134 -4.18 -18.94 -9.10
N ASN A 135 -5.41 -18.53 -9.44
CA ASN A 135 -6.63 -19.20 -8.97
C ASN A 135 -7.25 -20.14 -10.00
N LEU A 136 -6.56 -20.31 -11.12
CA LEU A 136 -7.02 -21.18 -12.19
C LEU A 136 -6.11 -22.40 -12.22
N MET A 137 -6.56 -23.46 -11.58
CA MET A 137 -5.75 -24.67 -11.50
C MET A 137 -6.29 -25.71 -12.46
N LEU A 138 -5.54 -26.81 -12.59
CA LEU A 138 -5.90 -27.91 -13.47
C LEU A 138 -6.02 -29.20 -12.66
N ASP A 139 -7.05 -30.00 -12.95
CA ASP A 139 -7.17 -31.32 -12.35
C ASP A 139 -6.22 -32.29 -13.07
N LYS A 140 -6.23 -33.55 -12.69
CA LYS A 140 -5.33 -34.54 -13.29
C LYS A 140 -5.56 -34.76 -14.79
N ASP A 141 -6.77 -34.46 -15.28
CA ASP A 141 -7.09 -34.63 -16.70
C ASP A 141 -6.77 -33.40 -17.54
N GLY A 142 -6.50 -32.25 -16.90
CA GLY A 142 -6.19 -31.01 -17.62
C GLY A 142 -7.36 -30.03 -17.75
N HIS A 143 -8.48 -30.34 -17.10
CA HIS A 143 -9.62 -29.42 -17.06
C HIS A 143 -9.43 -28.35 -15.99
N ILE A 144 -10.00 -27.18 -16.22
CA ILE A 144 -9.97 -26.06 -15.26
C ILE A 144 -10.69 -26.39 -13.94
N LYS A 145 -10.08 -25.94 -12.84
CA LYS A 145 -10.71 -25.95 -11.52
C LYS A 145 -10.41 -24.59 -10.88
N ILE A 146 -11.42 -23.74 -10.80
CA ILE A 146 -11.28 -22.45 -10.12
C ILE A 146 -11.16 -22.70 -8.62
N THR A 147 -10.20 -22.02 -8.00
CA THR A 147 -9.94 -22.16 -6.56
C THR A 147 -9.97 -20.80 -5.89
N ASP A 148 -9.98 -20.82 -4.55
CA ASP A 148 -9.98 -19.63 -3.71
C ASP A 148 -11.21 -18.74 -3.90
N PHE A 149 -12.29 -19.08 -3.21
CA PHE A 149 -13.55 -18.33 -3.27
C PHE A 149 -13.69 -17.29 -2.15
N GLY A 150 -12.54 -16.82 -1.63
CA GLY A 150 -12.54 -15.92 -0.47
C GLY A 150 -12.89 -14.47 -0.70
N LEU A 151 -13.22 -14.09 -1.94
CA LEU A 151 -13.66 -12.72 -2.25
C LEU A 151 -15.02 -12.68 -2.96
N CYS A 152 -15.77 -13.78 -2.91
CA CYS A 152 -17.08 -13.85 -3.55
C CYS A 152 -18.09 -12.90 -2.91
N LYS A 153 -19.05 -12.47 -3.70
CA LYS A 153 -20.21 -11.73 -3.18
C LYS A 153 -21.48 -12.40 -3.70
N GLU A 154 -22.40 -12.70 -2.79
CA GLU A 154 -23.69 -13.30 -3.12
C GLU A 154 -24.76 -12.22 -3.31
N GLY A 155 -25.88 -12.60 -3.93
CA GLY A 155 -27.03 -11.72 -4.09
C GLY A 155 -26.87 -10.63 -5.14
N ILE A 156 -25.90 -10.79 -6.04
CA ILE A 156 -25.62 -9.80 -7.09
C ILE A 156 -26.22 -10.24 -8.43
N SER A 157 -27.45 -9.80 -8.71
CA SER A 157 -28.10 -10.05 -9.99
C SER A 157 -27.77 -8.91 -10.97
N ASP A 158 -28.30 -8.98 -12.18
CA ASP A 158 -28.03 -7.96 -13.21
C ASP A 158 -28.33 -6.55 -12.70
N GLY A 159 -27.31 -5.69 -12.73
CA GLY A 159 -27.47 -4.30 -12.32
C GLY A 159 -27.18 -4.03 -10.84
N ALA A 160 -27.11 -5.07 -10.03
CA ALA A 160 -26.77 -4.91 -8.62
C ALA A 160 -25.29 -4.57 -8.48
N THR A 161 -24.95 -3.88 -7.39
CA THR A 161 -23.61 -3.33 -7.24
C THR A 161 -22.94 -3.80 -5.96
N MET A 162 -21.63 -3.57 -5.91
CA MET A 162 -20.77 -3.92 -4.78
C MET A 162 -19.89 -2.72 -4.45
N LYS A 163 -19.45 -2.64 -3.20
CA LYS A 163 -18.63 -1.51 -2.73
C LYS A 163 -17.23 -1.88 -2.23
N PHE A 165 -13.55 -2.64 -1.82
CA PHE A 165 -12.32 -2.53 -2.60
C PHE A 165 -11.49 -3.76 -2.32
N CYS A 166 -11.59 -4.75 -3.20
CA CYS A 166 -10.87 -6.01 -3.07
C CYS A 166 -10.55 -6.62 -4.43
N GLY A 167 -9.67 -7.62 -4.40
CA GLY A 167 -9.18 -8.28 -5.59
C GLY A 167 -7.67 -8.29 -5.55
N THR A 168 -7.07 -8.64 -6.68
CA THR A 168 -5.62 -8.59 -6.86
C THR A 168 -5.32 -7.39 -7.76
N PRO A 169 -4.46 -6.46 -7.31
CA PRO A 169 -4.19 -5.18 -8.00
C PRO A 169 -4.07 -5.28 -9.52
N GLU A 170 -3.23 -6.20 -10.00
CA GLU A 170 -2.97 -6.30 -11.44
C GLU A 170 -4.22 -6.69 -12.25
N TYR A 171 -5.22 -7.27 -11.58
CA TYR A 171 -6.44 -7.76 -12.22
C TYR A 171 -7.67 -6.89 -11.95
N LEU A 172 -7.52 -5.81 -11.18
CA LEU A 172 -8.67 -4.97 -10.82
C LEU A 172 -9.23 -4.25 -12.03
N ALA A 173 -10.56 -4.25 -12.17
CA ALA A 173 -11.20 -3.52 -13.27
C ALA A 173 -11.13 -2.01 -13.02
N PRO A 174 -11.13 -1.21 -14.11
CA PRO A 174 -11.06 0.26 -14.00
C PRO A 174 -12.13 0.90 -13.11
N GLU A 175 -13.37 0.43 -13.23
CA GLU A 175 -14.47 0.94 -12.39
C GLU A 175 -14.24 0.73 -10.89
N VAL A 176 -13.49 -0.30 -10.52
CA VAL A 176 -13.15 -0.56 -9.11
C VAL A 176 -12.17 0.49 -8.59
N LEU A 177 -11.41 1.08 -9.51
CA LEU A 177 -10.46 2.15 -9.17
C LEU A 177 -11.12 3.54 -9.16
N GLU A 178 -12.45 3.58 -9.28
CA GLU A 178 -13.22 4.81 -9.10
C GLU A 178 -14.05 4.75 -7.81
N ASP A 179 -14.53 5.90 -7.35
CA ASP A 179 -15.37 5.95 -6.15
C ASP A 179 -16.69 5.22 -6.38
N ASN A 180 -17.35 4.84 -5.29
CA ASN A 180 -18.69 4.27 -5.35
C ASN A 180 -18.63 2.80 -5.81
N ASP A 181 -19.67 2.34 -6.50
CA ASP A 181 -19.93 0.93 -6.59
C ASP A 181 -19.68 0.37 -7.99
N TYR A 182 -19.53 -0.94 -8.06
CA TYR A 182 -19.26 -1.61 -9.32
C TYR A 182 -20.12 -2.87 -9.43
N GLY A 183 -20.25 -3.37 -10.66
CA GLY A 183 -21.12 -4.52 -10.93
C GLY A 183 -20.37 -5.79 -11.26
N ARG A 184 -21.12 -6.80 -11.67
CA ARG A 184 -20.58 -8.13 -11.96
C ARG A 184 -19.64 -8.17 -13.18
N ALA A 185 -19.65 -7.12 -14.01
CA ALA A 185 -18.75 -7.02 -15.16
C ALA A 185 -17.28 -7.14 -14.81
N VAL A 186 -16.93 -6.89 -13.55
CA VAL A 186 -15.56 -7.07 -13.08
C VAL A 186 -15.00 -8.46 -13.38
N ASP A 187 -15.86 -9.47 -13.37
CA ASP A 187 -15.44 -10.84 -13.65
C ASP A 187 -15.02 -11.04 -15.10
N TRP A 188 -15.68 -10.34 -16.01
CA TRP A 188 -15.36 -10.43 -17.44
C TRP A 188 -14.08 -9.69 -17.77
N TRP A 189 -13.85 -8.56 -17.09
CA TRP A 189 -12.56 -7.89 -17.13
C TRP A 189 -11.44 -8.85 -16.68
N GLY A 190 -11.68 -9.55 -15.56
CA GLY A 190 -10.74 -10.52 -15.03
C GLY A 190 -10.43 -11.64 -16.02
N LEU A 191 -11.46 -12.19 -16.66
CA LEU A 191 -11.25 -13.12 -17.77
C LEU A 191 -10.40 -12.46 -18.86
N GLY A 192 -10.67 -11.20 -19.17
CA GLY A 192 -9.88 -10.44 -20.13
C GLY A 192 -8.39 -10.46 -19.84
N VAL A 193 -8.02 -10.21 -18.58
CA VAL A 193 -6.63 -10.17 -18.18
C VAL A 193 -5.95 -11.55 -18.33
N VAL A 194 -6.61 -12.62 -17.87
CA VAL A 194 -6.06 -13.97 -17.97
C VAL A 194 -5.93 -14.44 -19.43
N MET A 195 -6.95 -14.15 -20.27
CA MET A 195 -6.85 -14.44 -21.71
C MET A 195 -5.69 -13.69 -22.37
N TYR A 196 -5.53 -12.41 -22.01
CA TYR A 196 -4.43 -11.61 -22.51
C TYR A 196 -3.09 -12.24 -22.12
N GLU A 197 -2.94 -12.58 -20.85
CA GLU A 197 -1.73 -13.24 -20.36
C GLU A 197 -1.43 -14.53 -21.12
N MET A 198 -2.45 -15.37 -21.29
CA MET A 198 -2.29 -16.66 -21.96
C MET A 198 -1.81 -16.52 -23.41
N MET A 199 -2.35 -15.53 -24.12
CA MET A 199 -2.04 -15.37 -25.53
C MET A 199 -0.90 -14.38 -25.82
N CYS A 200 -0.65 -13.45 -24.90
CA CYS A 200 0.37 -12.39 -25.10
C CYS A 200 1.58 -12.53 -24.17
N GLY A 201 1.51 -13.45 -23.22
CA GLY A 201 2.64 -13.80 -22.37
C GLY A 201 3.07 -12.72 -21.40
N ARG A 202 2.17 -11.79 -21.10
CA ARG A 202 2.40 -10.75 -20.10
C ARG A 202 1.06 -10.15 -19.67
N LEU A 203 1.05 -9.48 -18.52
CA LEU A 203 -0.12 -8.74 -18.08
C LEU A 203 -0.32 -7.57 -19.03
N PRO A 204 -1.59 -7.20 -19.31
CA PRO A 204 -1.79 -6.04 -20.19
C PRO A 204 -1.25 -4.75 -19.56
N PHE A 205 -1.29 -4.69 -18.22
CA PHE A 205 -0.80 -3.56 -17.44
C PHE A 205 0.06 -4.06 -16.29
N TYR A 206 1.23 -3.47 -16.11
CA TYR A 206 2.04 -3.76 -14.93
C TYR A 206 2.98 -2.62 -14.54
N ASN A 207 3.02 -2.36 -13.24
CA ASN A 207 4.08 -1.58 -12.61
C ASN A 207 4.16 -2.08 -11.16
N GLN A 208 5.37 -2.15 -10.61
CA GLN A 208 5.51 -2.69 -9.25
C GLN A 208 4.85 -1.80 -8.18
N ASP A 209 4.76 -0.50 -8.46
CA ASP A 209 4.04 0.44 -7.60
C ASP A 209 2.57 0.48 -8.00
N HIS A 210 1.68 0.21 -7.03
CA HIS A 210 0.24 0.14 -7.28
C HIS A 210 -0.35 1.46 -7.79
N GLU A 211 0.15 2.59 -7.26
CA GLU A 211 -0.32 3.91 -7.72
C GLU A 211 -0.07 4.07 -9.22
N ARG A 212 1.08 3.60 -9.69
CA ARG A 212 1.40 3.63 -11.12
C ARG A 212 0.56 2.61 -11.89
N LEU A 213 0.41 1.42 -11.31
CA LEU A 213 -0.39 0.34 -11.90
C LEU A 213 -1.84 0.77 -12.14
N PHE A 214 -2.46 1.34 -11.11
CA PHE A 214 -3.87 1.75 -11.21
C PHE A 214 -4.09 2.85 -12.23
N GLU A 215 -3.13 3.78 -12.35
CA GLU A 215 -3.17 4.78 -13.41
C GLU A 215 -3.13 4.11 -14.80
N LEU A 216 -2.31 3.09 -14.95
CA LEU A 216 -2.24 2.34 -16.21
C LEU A 216 -3.56 1.67 -16.55
N ILE A 217 -4.14 0.99 -15.56
CA ILE A 217 -5.42 0.30 -15.76
C ILE A 217 -6.52 1.28 -16.15
N LEU A 218 -6.53 2.45 -15.51
CA LEU A 218 -7.52 3.48 -15.82
C LEU A 218 -7.29 4.15 -17.17
N MET A 219 -6.01 4.38 -17.52
CA MET A 219 -5.65 5.35 -18.57
C MET A 219 -4.97 4.77 -19.82
N GLU A 220 -4.25 3.65 -19.68
CA GLU A 220 -3.42 3.16 -20.77
C GLU A 220 -4.20 2.32 -21.80
N GLU A 221 -3.81 2.48 -23.06
CA GLU A 221 -4.36 1.71 -24.18
C GLU A 221 -3.64 0.36 -24.28
N ILE A 222 -4.40 -0.74 -24.39
CA ILE A 222 -3.78 -2.05 -24.50
C ILE A 222 -3.17 -2.26 -25.88
N ARG A 223 -2.08 -3.00 -25.91
CA ARG A 223 -1.40 -3.32 -27.16
C ARG A 223 -1.49 -4.82 -27.42
N PHE A 224 -1.38 -5.20 -28.69
CA PHE A 224 -1.46 -6.61 -29.09
C PHE A 224 -0.28 -6.98 -29.98
N PRO A 225 0.22 -8.21 -29.84
CA PRO A 225 1.18 -8.70 -30.82
C PRO A 225 0.55 -8.66 -32.23
N ARG A 226 1.34 -8.29 -33.23
CA ARG A 226 0.82 -8.15 -34.60
C ARG A 226 0.22 -9.46 -35.12
N THR A 227 0.75 -10.60 -34.67
CA THR A 227 0.34 -11.92 -35.16
C THR A 227 -0.97 -12.45 -34.60
N LEU A 228 -1.52 -11.79 -33.57
CA LEU A 228 -2.77 -12.24 -32.96
C LEU A 228 -3.91 -12.20 -34.00
N SER A 229 -4.83 -13.16 -33.89
CA SER A 229 -5.99 -13.22 -34.78
C SER A 229 -6.85 -11.97 -34.61
N PRO A 230 -7.51 -11.52 -35.69
CA PRO A 230 -8.50 -10.44 -35.55
C PRO A 230 -9.54 -10.70 -34.46
N GLU A 231 -10.00 -11.94 -34.31
CA GLU A 231 -11.00 -12.26 -33.28
C GLU A 231 -10.41 -12.37 -31.87
N ALA A 232 -9.13 -12.75 -31.75
CA ALA A 232 -8.46 -12.69 -30.45
C ALA A 232 -8.29 -11.23 -30.01
N LYS A 233 -7.83 -10.38 -30.93
CA LYS A 233 -7.76 -8.93 -30.68
C LYS A 233 -9.12 -8.35 -30.31
N SER A 234 -10.17 -8.82 -30.99
CA SER A 234 -11.54 -8.40 -30.75
C SER A 234 -12.03 -8.85 -29.38
N LEU A 235 -11.80 -10.13 -29.05
CA LEU A 235 -12.18 -10.68 -27.74
C LEU A 235 -11.54 -9.89 -26.62
N LEU A 236 -10.22 -9.70 -26.70
CA LEU A 236 -9.47 -8.99 -25.66
C LEU A 236 -9.90 -7.52 -25.57
N ALA A 237 -10.12 -6.89 -26.72
CA ALA A 237 -10.59 -5.49 -26.75
C ALA A 237 -11.97 -5.36 -26.09
N GLY A 238 -12.82 -6.36 -26.26
CA GLY A 238 -14.15 -6.39 -25.69
C GLY A 238 -14.17 -6.70 -24.20
N LEU A 239 -13.40 -7.69 -23.77
CA LEU A 239 -13.33 -8.06 -22.35
C LEU A 239 -12.62 -6.98 -21.53
N LEU A 240 -11.66 -6.32 -22.17
CA LEU A 240 -10.87 -5.27 -21.52
C LEU A 240 -11.33 -3.86 -21.91
N LYS A 241 -12.60 -3.73 -22.28
CA LYS A 241 -13.22 -2.42 -22.45
C LYS A 241 -13.25 -1.77 -21.05
N LYS A 242 -12.79 -0.53 -20.94
CA LYS A 242 -12.71 0.12 -19.63
C LYS A 242 -14.10 0.47 -19.06
N ASP A 243 -15.05 0.80 -19.93
CA ASP A 243 -16.42 1.05 -19.54
C ASP A 243 -17.14 -0.30 -19.37
N PRO A 244 -17.56 -0.64 -18.13
CA PRO A 244 -18.28 -1.90 -17.91
C PRO A 244 -19.58 -2.04 -18.72
N LYS A 245 -20.24 -0.92 -19.02
CA LYS A 245 -21.46 -0.94 -19.82
C LYS A 245 -21.21 -1.34 -21.27
N GLN A 246 -20.01 -1.02 -21.78
CA GLN A 246 -19.64 -1.33 -23.16
C GLN A 246 -18.81 -2.63 -23.21
N ARG A 247 -18.45 -3.19 -22.05
CA ARG A 247 -17.62 -4.38 -21.99
C ARG A 247 -18.37 -5.65 -22.40
N LEU A 248 -17.68 -6.52 -23.12
CA LEU A 248 -18.19 -7.83 -23.50
C LEU A 248 -18.59 -8.62 -22.25
N GLY A 249 -19.84 -9.05 -22.19
CA GLY A 249 -20.38 -9.73 -21.02
C GLY A 249 -21.05 -8.82 -20.02
N GLY A 250 -20.97 -7.50 -20.25
CA GLY A 250 -21.50 -6.52 -19.31
C GLY A 250 -22.96 -6.11 -19.53
N GLY A 251 -23.64 -6.75 -20.48
CA GLY A 251 -25.05 -6.50 -20.71
C GLY A 251 -25.93 -7.45 -19.91
N PRO A 252 -27.27 -7.31 -20.03
CA PRO A 252 -28.20 -8.18 -19.31
C PRO A 252 -28.07 -9.68 -19.63
N SER A 253 -27.52 -10.02 -20.79
CA SER A 253 -27.32 -11.43 -21.17
C SER A 253 -26.01 -12.02 -20.63
N ASP A 254 -25.18 -11.18 -20.00
CA ASP A 254 -24.03 -11.64 -19.21
C ASP A 254 -23.10 -12.55 -20.04
N ALA A 255 -22.95 -13.82 -19.64
CA ALA A 255 -22.02 -14.73 -20.32
C ALA A 255 -22.37 -14.99 -21.79
N LYS A 256 -23.64 -14.80 -22.15
CA LYS A 256 -24.09 -15.07 -23.52
C LYS A 256 -23.37 -14.20 -24.56
N GLU A 257 -23.12 -12.93 -24.23
CA GLU A 257 -22.37 -12.03 -25.11
C GLU A 257 -20.96 -12.57 -25.40
N VAL A 258 -20.33 -13.12 -24.37
CA VAL A 258 -18.98 -13.66 -24.48
C VAL A 258 -19.03 -14.98 -25.26
N MET A 259 -20.00 -15.83 -24.93
CA MET A 259 -20.13 -17.13 -25.57
C MET A 259 -20.38 -16.99 -27.07
N GLU A 260 -21.15 -15.97 -27.45
CA GLU A 260 -21.47 -15.73 -28.85
C GLU A 260 -20.37 -14.99 -29.63
N HIS A 261 -19.28 -14.63 -28.96
CA HIS A 261 -18.18 -13.92 -29.63
C HIS A 261 -17.45 -14.82 -30.63
N ARG A 262 -17.02 -14.23 -31.73
CA ARG A 262 -16.43 -14.95 -32.86
C ARG A 262 -15.14 -15.73 -32.52
N PHE A 263 -14.42 -15.32 -31.48
CA PHE A 263 -13.26 -16.08 -30.99
C PHE A 263 -13.66 -17.50 -30.57
N PHE A 264 -14.88 -17.65 -30.05
CA PHE A 264 -15.38 -18.96 -29.60
C PHE A 264 -16.30 -19.60 -30.64
N LEU A 265 -16.10 -19.22 -31.90
CA LEU A 265 -16.89 -19.74 -33.02
C LEU A 265 -16.85 -21.26 -33.14
N SER A 266 -15.73 -21.85 -32.77
CA SER A 266 -15.53 -23.30 -32.83
C SER A 266 -16.13 -24.06 -31.64
N ILE A 267 -16.59 -23.33 -30.61
CA ILE A 267 -17.01 -23.94 -29.37
C ILE A 267 -18.50 -24.28 -29.36
N ASN A 268 -18.80 -25.52 -28.98
CA ASN A 268 -20.15 -25.90 -28.60
C ASN A 268 -20.20 -25.87 -27.08
N TRP A 269 -20.99 -24.95 -26.54
CA TRP A 269 -20.97 -24.66 -25.10
C TRP A 269 -21.57 -25.76 -24.24
N GLN A 270 -22.40 -26.60 -24.84
CA GLN A 270 -22.98 -27.72 -24.12
C GLN A 270 -21.95 -28.85 -24.00
N ASP A 271 -21.09 -29.00 -25.01
CA ASP A 271 -19.93 -29.90 -24.94
C ASP A 271 -18.91 -29.45 -23.88
N VAL A 272 -18.79 -28.14 -23.69
CA VAL A 272 -17.86 -27.60 -22.70
C VAL A 272 -18.25 -28.07 -21.30
N VAL A 273 -19.48 -27.74 -20.88
CA VAL A 273 -19.97 -28.08 -19.55
C VAL A 273 -20.07 -29.60 -19.31
N GLN A 274 -20.28 -30.36 -20.38
CA GLN A 274 -20.33 -31.82 -20.29
C GLN A 274 -18.94 -32.48 -20.36
N LYS A 275 -17.90 -31.66 -20.39
CA LYS A 275 -16.49 -32.11 -20.38
C LYS A 275 -16.08 -32.97 -21.56
N LYS A 276 -16.75 -32.76 -22.69
CA LYS A 276 -16.47 -33.54 -23.90
C LYS A 276 -15.33 -32.94 -24.73
N LEU A 277 -14.93 -31.71 -24.41
CA LEU A 277 -13.79 -31.09 -25.09
C LEU A 277 -12.47 -31.64 -24.55
N LEU A 278 -11.56 -31.98 -25.47
CA LEU A 278 -10.29 -32.60 -25.12
C LEU A 278 -9.29 -31.54 -24.65
N PRO A 279 -8.72 -31.72 -23.44
CA PRO A 279 -7.65 -30.82 -23.00
C PRO A 279 -6.41 -30.93 -23.90
N PRO A 280 -5.92 -29.80 -24.43
CA PRO A 280 -4.65 -29.78 -25.17
C PRO A 280 -3.46 -30.30 -24.36
N PHE A 281 -3.44 -30.00 -23.06
CA PHE A 281 -2.36 -30.41 -22.16
C PHE A 281 -2.92 -31.33 -21.07
N LYS A 282 -2.31 -32.51 -20.93
CA LYS A 282 -2.66 -33.42 -19.84
C LYS A 282 -1.52 -33.50 -18.83
N PRO A 283 -1.77 -33.09 -17.57
CA PRO A 283 -0.74 -33.20 -16.53
C PRO A 283 -0.11 -34.59 -16.46
N GLN A 284 1.21 -34.62 -16.59
CA GLN A 284 1.96 -35.88 -16.64
C GLN A 284 2.38 -36.36 -15.24
N VAL A 285 1.49 -36.19 -14.26
CA VAL A 285 1.71 -36.70 -12.92
C VAL A 285 1.66 -38.22 -12.98
N THR A 286 2.44 -38.88 -12.12
CA THR A 286 2.54 -40.34 -12.13
C THR A 286 2.11 -41.00 -10.82
N SER A 287 1.54 -40.22 -9.90
CA SER A 287 0.99 -40.75 -8.65
C SER A 287 0.08 -39.70 -8.00
N GLU A 288 -0.62 -40.10 -6.95
CA GLU A 288 -1.55 -39.21 -6.24
C GLU A 288 -0.88 -38.18 -5.33
N VAL A 289 0.40 -38.40 -5.01
CA VAL A 289 1.16 -37.53 -4.13
C VAL A 289 2.18 -36.69 -4.93
N ASP A 290 2.10 -36.79 -6.25
CA ASP A 290 3.03 -36.13 -7.16
C ASP A 290 2.74 -34.61 -7.19
N THR A 291 3.71 -33.80 -6.78
CA THR A 291 3.54 -32.35 -6.73
C THR A 291 4.50 -31.63 -7.70
N ARG A 292 4.71 -32.21 -8.89
CA ARG A 292 5.64 -31.63 -9.87
C ARG A 292 5.15 -30.31 -10.49
N TYR A 293 3.85 -30.03 -10.38
CA TYR A 293 3.29 -28.80 -10.93
C TYR A 293 3.06 -27.74 -9.83
N PHE A 294 3.81 -27.88 -8.74
CA PHE A 294 3.81 -26.93 -7.64
C PHE A 294 5.25 -26.47 -7.43
N ASP A 295 5.43 -25.22 -7.03
CA ASP A 295 6.76 -24.63 -6.92
C ASP A 295 7.57 -25.25 -5.76
N ASP A 296 8.82 -25.61 -6.04
CA ASP A 296 9.74 -26.16 -5.04
C ASP A 296 9.82 -25.29 -3.80
N GLU A 297 9.80 -23.97 -4.01
CA GLU A 297 9.79 -22.98 -2.93
C GLU A 297 8.85 -23.38 -1.80
N PHE A 298 7.69 -23.92 -2.17
CA PHE A 298 6.69 -24.37 -1.19
C PHE A 298 6.88 -25.82 -0.76
N THR A 299 6.99 -26.73 -1.73
CA THR A 299 6.98 -28.17 -1.45
C THR A 299 8.23 -28.68 -0.75
N ALA A 300 9.32 -27.91 -0.81
CA ALA A 300 10.55 -28.24 -0.09
C ALA A 300 10.43 -27.96 1.41
N GLN A 301 9.52 -27.08 1.80
CA GLN A 301 9.37 -26.67 3.20
C GLN A 301 8.77 -27.77 4.06
N SER A 302 9.21 -27.84 5.31
CA SER A 302 8.67 -28.81 6.27
C SER A 302 7.36 -28.29 6.86
N ILE A 303 6.49 -29.20 7.26
CA ILE A 303 5.23 -28.84 7.92
C ILE A 303 5.50 -28.46 9.39
N THR A 304 5.06 -27.27 9.80
CA THR A 304 5.30 -26.76 11.14
C THR A 304 4.08 -26.05 11.73
N ILE A 305 3.76 -26.36 12.98
CA ILE A 305 2.67 -25.72 13.71
C ILE A 305 3.16 -24.40 14.32
N PRO A 307 2.91 -21.31 17.06
CA PRO A 307 2.42 -21.16 18.44
C PRO A 307 1.34 -20.07 18.58
N PRO A 308 0.31 -20.31 19.41
CA PRO A 308 -0.69 -19.26 19.65
C PRO A 308 -0.22 -18.24 20.69
N ASP A 309 -1.08 -17.26 21.00
CA ASP A 309 -0.77 -16.24 22.02
C ASP A 309 -0.90 -16.82 23.43
N GLN A 321 -14.15 -19.74 26.45
CA GLN A 321 -14.74 -18.68 25.61
C GLN A 321 -15.05 -19.23 24.22
N ARG A 322 -16.08 -18.67 23.58
CA ARG A 322 -16.52 -19.10 22.25
C ARG A 322 -15.82 -18.27 21.16
N THR A 323 -15.04 -18.95 20.32
CA THR A 323 -14.39 -18.33 19.16
C THR A 323 -14.98 -18.93 17.88
N HIS A 324 -16.28 -19.26 17.95
CA HIS A 324 -16.95 -20.04 16.93
C HIS A 324 -17.27 -19.22 15.68
N PHE A 325 -16.94 -19.78 14.52
CA PHE A 325 -17.35 -19.24 13.23
C PHE A 325 -18.52 -20.07 12.71
N PRO A 326 -19.61 -19.42 12.23
CA PRO A 326 -20.65 -20.18 11.52
C PRO A 326 -20.18 -20.65 10.14
N GLN A 327 -20.88 -21.63 9.57
CA GLN A 327 -20.56 -22.23 8.27
C GLN A 327 -19.30 -23.12 8.26
N PHE A 328 -18.77 -23.45 9.43
CA PHE A 328 -17.63 -24.36 9.51
C PHE A 328 -17.98 -25.59 10.35
N ASP A 329 -19.06 -26.23 9.93
CA ASP A 329 -19.44 -27.56 10.37
C ASP A 329 -19.99 -28.33 9.15
N TYR A 330 -19.38 -28.10 7.98
CA TYR A 330 -19.88 -28.67 6.72
C TYR A 330 -19.22 -29.99 6.35
N SER A 331 -20.03 -30.91 5.83
CA SER A 331 -19.56 -32.14 5.19
C SER A 331 -20.39 -32.40 3.95
N ALA A 332 -19.72 -32.77 2.86
CA ALA A 332 -20.39 -33.06 1.58
C ALA A 332 -21.28 -34.30 1.67
N SER A 333 -20.97 -35.22 2.59
CA SER A 333 -21.79 -36.40 2.83
C SER A 333 -23.12 -36.05 3.51
N ILE A 334 -23.17 -34.89 4.18
CA ILE A 334 -24.30 -34.53 5.03
C ILE A 334 -25.25 -33.52 4.36
N ARG A 335 -24.72 -32.63 3.51
CA ARG A 335 -25.56 -31.81 2.61
C ARG A 335 -25.01 -31.73 1.19
N LYS B 1 -8.11 -4.56 5.16
CA LYS B 1 -7.59 -3.87 6.37
C LYS B 1 -6.10 -4.19 6.57
N VAL B 2 -5.29 -3.14 6.71
CA VAL B 2 -3.84 -3.28 6.82
C VAL B 2 -3.44 -3.63 8.26
N THR B 3 -2.53 -4.59 8.39
CA THR B 3 -2.07 -5.05 9.70
C THR B 3 -0.54 -5.09 9.77
N MET B 4 -0.01 -5.42 10.94
CA MET B 4 1.44 -5.45 11.18
C MET B 4 2.14 -6.49 10.30
N ASN B 5 1.60 -7.70 10.24
CA ASN B 5 2.26 -8.78 9.49
C ASN B 5 2.12 -8.68 7.96
N ASP B 6 1.61 -7.55 7.48
CA ASP B 6 1.66 -7.22 6.05
C ASP B 6 3.03 -6.68 5.63
N PHE B 7 3.91 -6.45 6.61
CA PHE B 7 5.23 -5.88 6.37
C PHE B 7 6.34 -6.71 6.99
N ASP B 8 7.51 -6.70 6.34
CA ASP B 8 8.75 -7.18 6.95
C ASP B 8 9.44 -5.96 7.58
N TYR B 9 10.07 -6.17 8.72
CA TYR B 9 10.68 -5.10 9.51
C TYR B 9 12.20 -5.23 9.47
N LEU B 10 12.85 -4.34 8.72
CA LEU B 10 14.23 -4.55 8.29
C LEU B 10 15.27 -3.85 9.15
N LYS B 11 15.14 -2.53 9.30
CA LYS B 11 16.12 -1.73 10.04
C LYS B 11 15.46 -0.60 10.83
N LEU B 12 15.99 -0.31 12.01
CA LEU B 12 15.55 0.83 12.80
C LEU B 12 16.20 2.10 12.23
N LEU B 13 15.37 3.04 11.80
CA LEU B 13 15.83 4.29 11.19
C LEU B 13 15.98 5.40 12.23
N GLY B 14 15.14 5.37 13.25
CA GLY B 14 15.15 6.38 14.30
C GLY B 14 14.21 6.03 15.43
N LYS B 15 14.54 6.51 16.62
CA LYS B 15 13.75 6.23 17.81
C LYS B 15 13.79 7.40 18.78
N GLY B 16 12.68 7.64 19.46
CA GLY B 16 12.58 8.66 20.50
C GLY B 16 11.50 8.31 21.49
N THR B 17 11.16 9.24 22.38
CA THR B 17 10.13 9.00 23.39
C THR B 17 8.76 8.88 22.74
N PHE B 18 8.58 9.56 21.60
CA PHE B 18 7.40 9.45 20.76
C PHE B 18 7.11 8.00 20.34
N GLY B 19 8.16 7.28 19.95
CA GLY B 19 8.02 5.95 19.37
C GLY B 19 9.22 5.64 18.49
N LYS B 20 8.98 4.92 17.40
CA LYS B 20 10.06 4.48 16.54
C LYS B 20 9.68 4.47 15.06
N VAL B 21 10.70 4.58 14.21
CA VAL B 21 10.52 4.57 12.76
C VAL B 21 11.39 3.45 12.19
N ILE B 22 10.80 2.61 11.35
CA ILE B 22 11.46 1.41 10.84
C ILE B 22 11.36 1.32 9.31
N LEU B 23 12.45 0.91 8.67
CA LEU B 23 12.45 0.58 7.24
C LEU B 23 11.74 -0.75 7.08
N VAL B 24 10.61 -0.75 6.38
CA VAL B 24 9.81 -1.97 6.14
C VAL B 24 9.73 -2.31 4.66
N ARG B 25 9.51 -3.58 4.37
CA ARG B 25 9.20 -4.05 3.03
C ARG B 25 7.73 -4.48 3.04
N GLU B 26 6.94 -3.96 2.09
CA GLU B 26 5.56 -4.39 1.95
C GLU B 26 5.55 -5.73 1.23
N LYS B 27 5.09 -6.76 1.92
CA LYS B 27 5.16 -8.15 1.42
C LYS B 27 4.53 -8.30 0.04
N ALA B 28 3.35 -7.71 -0.14
CA ALA B 28 2.55 -7.90 -1.36
C ALA B 28 3.19 -7.32 -2.62
N THR B 29 3.90 -6.21 -2.47
CA THR B 29 4.52 -5.50 -3.61
C THR B 29 6.04 -5.61 -3.65
N GLY B 30 6.67 -5.87 -2.51
CA GLY B 30 8.13 -5.85 -2.40
C GLY B 30 8.72 -4.45 -2.43
N ARG B 31 7.87 -3.44 -2.24
CA ARG B 31 8.33 -2.05 -2.21
C ARG B 31 8.66 -1.65 -0.78
N TYR B 32 9.62 -0.74 -0.64
CA TYR B 32 10.14 -0.35 0.65
C TYR B 32 9.54 0.99 1.09
N TYR B 33 9.27 1.10 2.39
CA TYR B 33 8.70 2.30 3.00
C TYR B 33 9.28 2.50 4.38
N ALA B 34 9.07 3.68 4.95
CA ALA B 34 9.29 3.92 6.38
C ALA B 34 7.95 3.78 7.10
N MET B 35 7.98 3.18 8.28
CA MET B 35 6.79 3.08 9.14
C MET B 35 7.07 3.72 10.50
N LYS B 36 6.30 4.75 10.84
CA LYS B 36 6.36 5.30 12.20
C LYS B 36 5.34 4.56 13.06
N ILE B 37 5.84 3.98 14.15
CA ILE B 37 5.00 3.22 15.07
C ILE B 37 4.93 3.93 16.42
N LEU B 38 3.71 4.27 16.84
CA LEU B 38 3.47 4.97 18.10
C LEU B 38 2.58 4.13 19.00
N ARG B 39 2.94 4.08 20.28
CA ARG B 39 2.09 3.42 21.27
C ARG B 39 0.96 4.35 21.69
N LYS B 40 -0.27 3.84 21.63
CA LYS B 40 -1.45 4.60 22.03
C LYS B 40 -1.34 5.07 23.49
N GLU B 41 -0.80 4.19 24.33
CA GLU B 41 -0.59 4.46 25.76
C GLU B 41 0.21 5.73 26.01
N VAL B 42 1.33 5.88 25.31
CA VAL B 42 2.20 7.05 25.44
C VAL B 42 1.50 8.31 24.91
N ILE B 43 0.84 8.17 23.77
CA ILE B 43 0.15 9.27 23.12
C ILE B 43 -0.94 9.86 24.02
N ILE B 44 -1.72 9.00 24.67
CA ILE B 44 -2.80 9.42 25.56
C ILE B 44 -2.23 10.10 26.82
N ALA B 45 -1.26 9.46 27.45
CA ALA B 45 -0.57 10.02 28.62
C ALA B 45 -0.01 11.42 28.36
N LYS B 46 0.59 11.59 27.18
CA LYS B 46 1.20 12.86 26.80
C LYS B 46 0.19 13.93 26.33
N ASP B 47 -1.08 13.56 26.21
CA ASP B 47 -2.14 14.48 25.75
C ASP B 47 -1.89 14.92 24.30
N GLU B 48 -1.47 13.98 23.46
CA GLU B 48 -1.15 14.26 22.07
C GLU B 48 -2.10 13.57 21.09
N VAL B 49 -3.31 13.24 21.53
CA VAL B 49 -4.26 12.52 20.68
C VAL B 49 -4.69 13.38 19.48
N ALA B 50 -5.16 14.59 19.77
CA ALA B 50 -5.60 15.52 18.73
C ALA B 50 -4.50 15.83 17.71
N HIS B 51 -3.29 16.04 18.21
CA HIS B 51 -2.13 16.27 17.35
C HIS B 51 -1.86 15.09 16.41
N THR B 52 -1.95 13.88 16.94
CA THR B 52 -1.65 12.67 16.17
C THR B 52 -2.74 12.36 15.13
N VAL B 53 -4.00 12.61 15.49
CA VAL B 53 -5.11 12.47 14.54
C VAL B 53 -4.96 13.50 13.42
N THR B 54 -4.61 14.72 13.80
CA THR B 54 -4.34 15.80 12.84
C THR B 54 -3.21 15.44 11.88
N GLU B 55 -2.17 14.79 12.39
CA GLU B 55 -1.03 14.37 11.55
C GLU B 55 -1.53 13.49 10.40
N SER B 56 -2.39 12.53 10.70
CA SER B 56 -3.03 11.71 9.65
C SER B 56 -3.94 12.54 8.75
N ARG B 57 -4.82 13.33 9.34
CA ARG B 57 -5.81 14.09 8.57
C ARG B 57 -5.16 15.03 7.55
N VAL B 58 -4.11 15.75 7.96
CA VAL B 58 -3.41 16.63 7.03
C VAL B 58 -2.77 15.82 5.89
N LEU B 59 -2.03 14.78 6.25
CA LEU B 59 -1.33 13.96 5.27
C LEU B 59 -2.27 13.32 4.23
N GLN B 60 -3.50 13.01 4.64
CA GLN B 60 -4.48 12.40 3.74
C GLN B 60 -4.83 13.28 2.54
N ASN B 61 -4.76 14.60 2.71
CA ASN B 61 -5.13 15.52 1.63
C ASN B 61 -4.03 16.40 1.04
N THR B 62 -2.87 16.45 1.69
CA THR B 62 -1.72 17.18 1.16
C THR B 62 -1.08 16.44 0.00
N ARG B 63 -0.77 17.18 -1.08
CA ARG B 63 0.06 16.65 -2.15
C ARG B 63 0.97 17.72 -2.76
N HIS B 64 2.26 17.48 -2.59
CA HIS B 64 3.30 18.45 -2.94
C HIS B 64 4.62 17.69 -3.03
N PRO B 65 5.47 18.05 -4.02
CA PRO B 65 6.69 17.28 -4.21
C PRO B 65 7.61 17.17 -2.99
N PHE B 66 7.60 18.18 -2.12
CA PHE B 66 8.52 18.25 -0.99
C PHE B 66 7.86 18.00 0.39
N LEU B 67 6.67 17.42 0.38
CA LEU B 67 6.07 16.87 1.59
C LEU B 67 6.05 15.34 1.47
N THR B 68 6.35 14.64 2.55
CA THR B 68 6.35 13.17 2.58
C THR B 68 4.93 12.64 2.34
N ALA B 69 4.80 11.73 1.39
CA ALA B 69 3.50 11.17 1.04
C ALA B 69 3.19 9.97 1.93
N LEU B 70 1.99 9.98 2.50
CA LEU B 70 1.46 8.89 3.33
C LEU B 70 0.82 7.82 2.45
N LYS B 71 1.22 6.57 2.65
CA LYS B 71 0.64 5.42 1.94
C LYS B 71 -0.53 4.83 2.73
N TYR B 72 -0.27 4.49 3.99
CA TYR B 72 -1.30 3.98 4.90
C TYR B 72 -1.23 4.64 6.27
N ALA B 73 -2.39 4.79 6.90
CA ALA B 73 -2.50 5.03 8.33
C ALA B 73 -3.39 3.93 8.90
N PHE B 74 -2.82 3.09 9.77
CA PHE B 74 -3.60 2.04 10.43
C PHE B 74 -3.21 1.89 11.90
N GLN B 75 -3.97 1.08 12.61
CA GLN B 75 -3.79 0.94 14.05
C GLN B 75 -4.08 -0.47 14.52
N THR B 76 -3.56 -0.79 15.70
CA THR B 76 -3.87 -2.04 16.38
C THR B 76 -4.47 -1.68 17.73
N HIS B 77 -4.70 -2.69 18.57
CA HIS B 77 -5.26 -2.45 19.91
C HIS B 77 -4.41 -1.53 20.78
N ASP B 78 -3.09 -1.52 20.56
CA ASP B 78 -2.19 -0.67 21.35
C ASP B 78 -1.25 0.25 20.55
N ARG B 79 -1.33 0.23 19.22
CA ARG B 79 -0.41 1.01 18.38
C ARG B 79 -1.08 1.75 17.21
N LEU B 80 -0.42 2.81 16.77
CA LEU B 80 -0.77 3.58 15.58
C LEU B 80 0.42 3.53 14.63
N CYS B 81 0.16 3.23 13.36
CA CYS B 81 1.23 3.09 12.37
C CYS B 81 0.99 3.97 11.13
N PHE B 82 1.99 4.77 10.79
CA PHE B 82 2.04 5.51 9.54
C PHE B 82 3.02 4.80 8.60
N VAL B 83 2.54 4.37 7.43
CA VAL B 83 3.40 3.88 6.36
C VAL B 83 3.59 5.02 5.35
N MET B 84 4.84 5.37 5.07
CA MET B 84 5.14 6.57 4.28
C MET B 84 6.37 6.39 3.40
N GLU B 85 6.58 7.34 2.48
CA GLU B 85 7.76 7.34 1.61
C GLU B 85 9.05 7.28 2.44
N TYR B 86 9.92 6.33 2.10
CA TYR B 86 11.26 6.23 2.69
C TYR B 86 12.18 7.28 2.05
N ALA B 87 12.63 8.23 2.87
CA ALA B 87 13.54 9.26 2.41
C ALA B 87 14.97 8.74 2.49
N ASN B 88 15.43 8.15 1.38
CA ASN B 88 16.72 7.44 1.30
C ASN B 88 17.94 8.29 1.69
N GLY B 89 17.83 9.60 1.45
CA GLY B 89 18.93 10.53 1.69
C GLY B 89 19.12 10.97 3.13
N GLY B 90 18.24 10.54 4.02
CA GLY B 90 18.32 10.91 5.44
C GLY B 90 18.02 12.37 5.72
N GLU B 91 18.25 12.77 6.98
CA GLU B 91 17.99 14.11 7.47
C GLU B 91 19.07 15.09 7.06
N LEU B 92 18.69 16.34 6.82
CA LEU B 92 19.66 17.42 6.65
C LEU B 92 20.58 17.57 7.88
N PHE B 93 20.04 17.27 9.06
CA PHE B 93 20.84 17.22 10.27
C PHE B 93 22.05 16.28 10.13
N PHE B 94 21.83 15.10 9.55
CA PHE B 94 22.91 14.12 9.31
C PHE B 94 24.03 14.74 8.46
N HIS B 95 23.63 15.36 7.36
CA HIS B 95 24.56 15.91 6.38
C HIS B 95 25.31 17.13 6.90
N LEU B 96 24.61 18.03 7.57
CA LEU B 96 25.24 19.21 8.14
C LEU B 96 26.18 18.84 9.30
N SER B 97 25.84 17.79 10.05
CA SER B 97 26.72 17.30 11.12
C SER B 97 28.03 16.76 10.54
N ARG B 98 27.97 16.20 9.35
CA ARG B 98 29.19 15.70 8.70
C ARG B 98 29.94 16.78 7.93
N GLU B 99 29.22 17.60 7.16
CA GLU B 99 29.86 18.61 6.33
C GLU B 99 30.12 19.93 7.07
N ARG B 100 29.46 20.11 8.22
CA ARG B 100 29.59 21.29 9.09
C ARG B 100 28.89 22.55 8.56
N VAL B 101 29.00 22.82 7.26
CA VAL B 101 28.39 24.00 6.65
C VAL B 101 28.03 23.70 5.19
N PHE B 102 26.99 24.38 4.70
CA PHE B 102 26.64 24.36 3.28
C PHE B 102 27.02 25.68 2.67
N THR B 103 27.35 25.66 1.38
CA THR B 103 27.55 26.90 0.63
C THR B 103 26.22 27.64 0.60
N GLU B 104 26.27 28.93 0.29
CA GLU B 104 25.04 29.70 0.18
C GLU B 104 24.17 29.16 -0.95
N GLU B 105 24.82 28.68 -2.00
CA GLU B 105 24.12 28.09 -3.15
C GLU B 105 23.32 26.84 -2.75
N ARG B 106 23.94 25.95 -1.98
CA ARG B 106 23.27 24.73 -1.55
C ARG B 106 22.15 24.99 -0.57
N ALA B 107 22.38 25.93 0.35
CA ALA B 107 21.36 26.38 1.28
C ALA B 107 20.19 26.99 0.52
N ARG B 108 20.48 27.78 -0.52
CA ARG B 108 19.43 28.39 -1.32
C ARG B 108 18.53 27.35 -1.99
N PHE B 109 19.13 26.26 -2.48
CA PHE B 109 18.36 25.16 -3.09
C PHE B 109 17.36 24.53 -2.11
N TYR B 110 17.86 24.08 -0.96
CA TYR B 110 17.01 23.52 0.08
C TYR B 110 15.97 24.53 0.57
N GLY B 111 16.42 25.77 0.78
CA GLY B 111 15.55 26.87 1.23
C GLY B 111 14.39 27.16 0.30
N ALA B 112 14.66 27.20 -1.00
CA ALA B 112 13.63 27.40 -2.01
C ALA B 112 12.56 26.31 -1.97
N GLU B 113 12.99 25.06 -1.82
CA GLU B 113 12.07 23.93 -1.73
C GLU B 113 11.24 23.92 -0.44
N ILE B 114 11.84 24.32 0.68
CA ILE B 114 11.10 24.43 1.94
C ILE B 114 10.07 25.57 1.82
N VAL B 115 10.47 26.69 1.22
CA VAL B 115 9.58 27.84 1.01
C VAL B 115 8.38 27.44 0.17
N SER B 116 8.62 26.66 -0.89
CA SER B 116 7.57 26.12 -1.75
C SER B 116 6.54 25.30 -0.96
N ALA B 117 7.05 24.39 -0.11
CA ALA B 117 6.20 23.56 0.75
C ALA B 117 5.39 24.37 1.76
N LEU B 118 6.06 25.33 2.42
CA LEU B 118 5.40 26.20 3.39
C LEU B 118 4.37 27.14 2.73
N GLU B 119 4.63 27.59 1.51
CA GLU B 119 3.63 28.36 0.78
C GLU B 119 2.38 27.50 0.58
N TYR B 120 2.60 26.25 0.17
CA TYR B 120 1.50 25.33 -0.12
C TYR B 120 0.68 25.03 1.13
N LEU B 121 1.36 24.74 2.24
CA LEU B 121 0.68 24.47 3.52
C LEU B 121 -0.11 25.67 4.04
N HIS B 122 0.51 26.85 3.98
CA HIS B 122 -0.13 28.09 4.43
C HIS B 122 -1.31 28.49 3.56
N SER B 123 -1.22 28.23 2.25
CA SER B 123 -2.35 28.46 1.34
C SER B 123 -3.57 27.61 1.73
N ARG B 124 -3.30 26.42 2.25
CA ARG B 124 -4.34 25.51 2.73
C ARG B 124 -4.64 25.68 4.23
N ASP B 125 -4.18 26.79 4.81
CA ASP B 125 -4.43 27.15 6.21
C ASP B 125 -3.84 26.18 7.24
N VAL B 126 -2.70 25.57 6.89
CA VAL B 126 -1.99 24.68 7.80
C VAL B 126 -0.68 25.35 8.25
N VAL B 127 -0.49 25.42 9.56
CA VAL B 127 0.79 25.86 10.14
C VAL B 127 1.52 24.62 10.61
N TYR B 128 2.76 24.47 10.14
CA TYR B 128 3.55 23.27 10.39
C TYR B 128 4.17 23.23 11.80
N ARG B 129 4.73 24.36 12.25
CA ARG B 129 5.20 24.55 13.64
C ARG B 129 6.44 23.75 14.09
N ASP B 130 7.02 22.93 13.22
CA ASP B 130 8.17 22.13 13.63
C ASP B 130 9.29 22.09 12.57
N ILE B 131 9.50 23.22 11.90
CA ILE B 131 10.61 23.33 10.96
C ILE B 131 11.92 23.16 11.73
N LYS B 132 12.67 22.13 11.35
CA LYS B 132 14.01 21.92 11.87
C LYS B 132 14.78 20.94 10.97
N LEU B 133 16.10 20.91 11.13
CA LEU B 133 16.97 20.10 10.26
C LEU B 133 16.65 18.60 10.36
N GLU B 134 16.22 18.20 11.54
CA GLU B 134 15.81 16.84 11.85
C GLU B 134 14.55 16.38 11.10
N ASN B 135 13.70 17.33 10.70
CA ASN B 135 12.46 17.04 9.98
C ASN B 135 12.54 17.33 8.48
N LEU B 136 13.74 17.68 8.02
CA LEU B 136 13.99 17.99 6.63
C LEU B 136 14.85 16.88 6.05
N MET B 137 14.21 15.96 5.36
CA MET B 137 14.91 14.81 4.83
C MET B 137 15.12 15.00 3.34
N LEU B 138 15.87 14.08 2.73
CA LEU B 138 16.15 14.11 1.30
C LEU B 138 15.72 12.77 0.69
N ASP B 139 15.08 12.83 -0.48
CA ASP B 139 14.75 11.60 -1.21
C ASP B 139 16.00 11.11 -1.93
N LYS B 140 15.88 10.02 -2.70
CA LYS B 140 17.05 9.44 -3.38
C LYS B 140 17.71 10.38 -4.41
N ASP B 141 16.97 11.37 -4.91
CA ASP B 141 17.53 12.33 -5.87
C ASP B 141 18.15 13.56 -5.20
N GLY B 142 17.90 13.76 -3.91
CA GLY B 142 18.43 14.92 -3.19
C GLY B 142 17.45 16.07 -3.03
N HIS B 143 16.18 15.85 -3.38
CA HIS B 143 15.13 16.85 -3.15
C HIS B 143 14.59 16.75 -1.72
N ILE B 144 14.13 17.88 -1.18
CA ILE B 144 13.59 17.98 0.17
C ILE B 144 12.31 17.16 0.35
N LYS B 145 12.20 16.52 1.51
CA LYS B 145 10.97 15.89 1.95
C LYS B 145 10.77 16.23 3.42
N ILE B 146 9.82 17.11 3.68
CA ILE B 146 9.44 17.45 5.04
C ILE B 146 8.71 16.26 5.67
N THR B 147 9.15 15.86 6.86
CA THR B 147 8.57 14.73 7.58
C THR B 147 8.06 15.19 8.94
N ASP B 148 7.31 14.32 9.60
CA ASP B 148 6.78 14.55 10.96
C ASP B 148 5.83 15.73 11.05
N PHE B 149 4.56 15.48 10.72
CA PHE B 149 3.52 16.51 10.75
C PHE B 149 2.72 16.45 12.07
N GLY B 150 3.37 15.99 13.14
CA GLY B 150 2.70 15.77 14.43
C GLY B 150 2.38 17.00 15.27
N LEU B 151 2.76 18.19 14.80
CA LEU B 151 2.43 19.43 15.52
C LEU B 151 1.73 20.44 14.61
N CYS B 152 1.13 19.96 13.53
CA CYS B 152 0.41 20.83 12.59
C CYS B 152 -0.84 21.42 13.22
N LYS B 153 -1.23 22.61 12.76
CA LYS B 153 -2.55 23.17 13.09
C LYS B 153 -3.27 23.55 11.81
N GLU B 154 -4.54 23.14 11.72
CA GLU B 154 -5.41 23.45 10.58
C GLU B 154 -6.30 24.66 10.87
N GLY B 155 -6.86 25.24 9.81
CA GLY B 155 -7.81 26.33 9.92
C GLY B 155 -7.18 27.68 10.24
N ILE B 156 -5.87 27.79 10.03
CA ILE B 156 -5.12 29.00 10.36
C ILE B 156 -4.83 29.83 9.09
N SER B 157 -5.72 30.76 8.80
CA SER B 157 -5.52 31.69 7.68
C SER B 157 -4.79 32.94 8.17
N ASP B 158 -4.56 33.91 7.28
CA ASP B 158 -3.85 35.14 7.62
C ASP B 158 -4.49 35.83 8.83
N GLY B 159 -3.69 36.02 9.87
CA GLY B 159 -4.14 36.73 11.06
C GLY B 159 -4.77 35.84 12.14
N ALA B 160 -5.04 34.58 11.82
CA ALA B 160 -5.56 33.65 12.81
C ALA B 160 -4.44 33.24 13.75
N THR B 161 -4.81 32.81 14.95
CA THR B 161 -3.82 32.56 15.98
C THR B 161 -3.95 31.16 16.59
N MET B 162 -2.89 30.79 17.30
CA MET B 162 -2.76 29.50 17.95
C MET B 162 -2.28 29.72 19.38
N LYS B 163 -2.58 28.78 20.27
CA LYS B 163 -2.23 28.91 21.69
C LYS B 163 -1.33 27.81 22.27
N PHE B 165 1.57 25.69 23.43
CA PHE B 165 3.01 25.81 23.62
C PHE B 165 3.63 24.51 23.11
N CYS B 166 4.10 24.53 21.86
CA CYS B 166 4.70 23.37 21.23
C CYS B 166 5.76 23.75 20.20
N GLY B 167 6.58 22.77 19.83
CA GLY B 167 7.67 22.93 18.89
C GLY B 167 8.92 22.30 19.44
N THR B 168 10.07 22.62 18.85
CA THR B 168 11.36 22.22 19.40
C THR B 168 12.01 23.49 19.96
N PRO B 169 12.42 23.46 21.26
CA PRO B 169 12.94 24.62 22.00
C PRO B 169 13.90 25.53 21.23
N GLU B 170 14.91 24.95 20.60
CA GLU B 170 15.93 25.72 19.89
C GLU B 170 15.38 26.46 18.66
N TYR B 171 14.21 26.02 18.20
CA TYR B 171 13.58 26.56 16.99
C TYR B 171 12.34 27.43 17.28
N LEU B 172 11.97 27.59 18.56
CA LEU B 172 10.75 28.33 18.91
C LEU B 172 10.89 29.82 18.61
N ALA B 173 9.84 30.41 18.03
CA ALA B 173 9.83 31.84 17.75
C ALA B 173 9.64 32.62 19.05
N PRO B 174 10.17 33.86 19.11
CA PRO B 174 10.08 34.65 20.35
C PRO B 174 8.64 34.89 20.83
N GLU B 175 7.73 35.15 19.91
CA GLU B 175 6.32 35.35 20.28
C GLU B 175 5.70 34.13 20.97
N VAL B 176 6.18 32.92 20.65
CA VAL B 176 5.72 31.69 21.33
C VAL B 176 6.19 31.68 22.79
N LEU B 177 7.29 32.38 23.06
CA LEU B 177 7.81 32.50 24.43
C LEU B 177 7.14 33.62 25.22
N GLU B 178 6.10 34.24 24.64
CA GLU B 178 5.27 35.21 25.36
C GLU B 178 3.87 34.64 25.65
N ASP B 179 3.12 35.28 26.53
CA ASP B 179 1.77 34.85 26.85
C ASP B 179 0.82 35.01 25.65
N ASN B 180 -0.31 34.32 25.70
CA ASN B 180 -1.35 34.44 24.69
C ASN B 180 -0.90 33.79 23.37
N ASP B 181 -1.37 34.32 22.26
CA ASP B 181 -1.41 33.55 21.02
C ASP B 181 -0.36 33.98 20.01
N TYR B 182 -0.15 33.13 19.01
CA TYR B 182 0.80 33.41 17.96
C TYR B 182 0.23 32.98 16.62
N GLY B 183 0.81 33.50 15.54
CA GLY B 183 0.31 33.25 14.19
C GLY B 183 1.24 32.38 13.34
N ARG B 184 0.91 32.30 12.06
CA ARG B 184 1.62 31.44 11.11
C ARG B 184 3.07 31.85 10.85
N ALA B 185 3.43 33.09 11.21
CA ALA B 185 4.80 33.61 11.02
C ALA B 185 5.87 32.76 11.71
N VAL B 186 5.46 31.95 12.68
CA VAL B 186 6.39 31.05 13.37
C VAL B 186 7.12 30.11 12.41
N ASP B 187 6.46 29.71 11.33
CA ASP B 187 7.07 28.82 10.33
C ASP B 187 8.23 29.52 9.60
N TRP B 188 8.10 30.81 9.38
CA TRP B 188 9.14 31.58 8.69
C TRP B 188 10.34 31.80 9.58
N TRP B 189 10.08 32.01 10.86
CA TRP B 189 11.13 32.00 11.88
C TRP B 189 11.90 30.68 11.84
N GLY B 190 11.15 29.56 11.80
CA GLY B 190 11.76 28.24 11.72
C GLY B 190 12.64 28.06 10.50
N LEU B 191 12.17 28.51 9.33
CA LEU B 191 13.02 28.55 8.14
C LEU B 191 14.27 29.41 8.41
N GLY B 192 14.10 30.55 9.07
CA GLY B 192 15.23 31.38 9.51
C GLY B 192 16.31 30.62 10.26
N VAL B 193 15.90 29.79 11.23
CA VAL B 193 16.85 29.02 12.03
C VAL B 193 17.60 27.98 11.20
N VAL B 194 16.88 27.20 10.39
CA VAL B 194 17.51 26.18 9.54
C VAL B 194 18.40 26.79 8.46
N MET B 195 17.96 27.87 7.82
CA MET B 195 18.82 28.62 6.88
C MET B 195 20.11 29.12 7.57
N TYR B 196 19.96 29.63 8.78
CA TYR B 196 21.11 30.08 9.57
C TYR B 196 22.07 28.93 9.85
N GLU B 197 21.53 27.81 10.33
CA GLU B 197 22.33 26.60 10.55
C GLU B 197 23.10 26.15 9.31
N MET B 198 22.39 26.11 8.18
CA MET B 198 23.00 25.65 6.91
C MET B 198 24.17 26.51 6.48
N MET B 199 24.03 27.83 6.63
CA MET B 199 25.04 28.76 6.16
C MET B 199 26.07 29.19 7.22
N CYS B 200 25.73 29.03 8.50
CA CYS B 200 26.61 29.45 9.59
C CYS B 200 27.11 28.29 10.47
N GLY B 201 26.60 27.08 10.23
CA GLY B 201 27.09 25.87 10.87
C GLY B 201 26.84 25.78 12.37
N ARG B 202 25.87 26.55 12.86
CA ARG B 202 25.45 26.50 14.26
C ARG B 202 24.05 27.08 14.39
N LEU B 203 23.37 26.75 15.48
CA LEU B 203 22.09 27.39 15.80
C LEU B 203 22.35 28.86 16.09
N PRO B 204 21.42 29.76 15.72
CA PRO B 204 21.64 31.17 16.08
C PRO B 204 21.66 31.39 17.59
N PHE B 205 20.90 30.56 18.31
CA PHE B 205 20.80 30.60 19.77
C PHE B 205 20.92 29.20 20.34
N TYR B 206 21.77 29.03 21.36
CA TYR B 206 21.83 27.76 22.08
C TYR B 206 22.30 27.87 23.52
N ASN B 207 21.56 27.20 24.40
CA ASN B 207 22.04 26.86 25.73
C ASN B 207 21.38 25.52 26.12
N GLN B 208 22.11 24.66 26.83
CA GLN B 208 21.57 23.38 27.29
C GLN B 208 20.35 23.55 28.21
N ASP B 209 20.34 24.65 28.95
CA ASP B 209 19.25 24.99 29.85
C ASP B 209 18.20 25.80 29.10
N HIS B 210 16.99 25.24 28.98
CA HIS B 210 15.91 25.87 28.23
C HIS B 210 15.61 27.29 28.71
N GLU B 211 15.67 27.52 30.02
CA GLU B 211 15.43 28.85 30.59
C GLU B 211 16.41 29.88 30.04
N ARG B 212 17.68 29.48 29.92
CA ARG B 212 18.70 30.33 29.31
C ARG B 212 18.47 30.47 27.81
N LEU B 213 18.13 29.36 27.16
CA LEU B 213 17.87 29.34 25.72
C LEU B 213 16.76 30.33 25.33
N PHE B 214 15.64 30.27 26.05
CA PHE B 214 14.48 31.11 25.76
C PHE B 214 14.75 32.60 26.00
N GLU B 215 15.58 32.89 27.00
CA GLU B 215 16.03 34.27 27.21
C GLU B 215 16.86 34.72 26.02
N LEU B 216 17.73 33.85 25.52
CA LEU B 216 18.54 34.18 24.34
C LEU B 216 17.68 34.47 23.11
N ILE B 217 16.70 33.60 22.85
CA ILE B 217 15.78 33.76 21.71
C ILE B 217 15.02 35.08 21.79
N LEU B 218 14.54 35.42 22.99
CA LEU B 218 13.81 36.66 23.18
C LEU B 218 14.69 37.91 23.09
N MET B 219 15.93 37.81 23.60
CA MET B 219 16.74 38.99 23.94
C MET B 219 18.03 39.20 23.12
N GLU B 220 18.65 38.12 22.66
CA GLU B 220 19.97 38.20 22.04
C GLU B 220 19.94 38.64 20.57
N GLU B 221 20.93 39.43 20.17
CA GLU B 221 21.15 39.84 18.80
C GLU B 221 21.90 38.75 18.03
N ILE B 222 21.37 38.32 16.88
CA ILE B 222 22.06 37.31 16.07
C ILE B 222 23.34 37.88 15.46
N ARG B 223 24.34 37.02 15.28
CA ARG B 223 25.59 37.41 14.66
C ARG B 223 25.78 36.65 13.35
N PHE B 224 26.61 37.19 12.47
CA PHE B 224 26.86 36.58 11.16
C PHE B 224 28.34 36.49 10.88
N PRO B 225 28.78 35.38 10.25
CA PRO B 225 30.14 35.38 9.73
C PRO B 225 30.36 36.58 8.81
N ARG B 226 31.52 37.22 8.89
CA ARG B 226 31.83 38.40 8.07
C ARG B 226 31.72 38.12 6.55
N THR B 227 31.99 36.88 6.15
CA THR B 227 32.03 36.50 4.74
C THR B 227 30.68 36.24 4.10
N LEU B 228 29.63 36.18 4.90
CA LEU B 228 28.28 35.93 4.40
C LEU B 228 27.88 37.08 3.46
N SER B 229 27.14 36.76 2.40
CA SER B 229 26.71 37.77 1.43
C SER B 229 25.76 38.77 2.11
N PRO B 230 25.76 40.03 1.65
CA PRO B 230 24.78 41.01 2.11
C PRO B 230 23.32 40.52 2.06
N GLU B 231 22.96 39.78 1.02
CA GLU B 231 21.57 39.30 0.90
C GLU B 231 21.29 38.09 1.79
N ALA B 232 22.31 37.27 2.07
CA ALA B 232 22.16 36.18 3.06
C ALA B 232 21.98 36.77 4.46
N LYS B 233 22.79 37.77 4.79
CA LYS B 233 22.64 38.51 6.05
C LYS B 233 21.26 39.17 6.13
N SER B 234 20.80 39.74 5.02
CA SER B 234 19.48 40.35 4.92
C SER B 234 18.37 39.30 5.06
N LEU B 235 18.52 38.16 4.39
CA LEU B 235 17.51 37.10 4.46
C LEU B 235 17.35 36.60 5.89
N LEU B 236 18.46 36.29 6.55
CA LEU B 236 18.40 35.75 7.91
C LEU B 236 17.90 36.79 8.91
N ALA B 237 18.31 38.05 8.74
CA ALA B 237 17.82 39.15 9.57
C ALA B 237 16.30 39.32 9.46
N GLY B 238 15.79 39.13 8.25
CA GLY B 238 14.36 39.24 7.96
C GLY B 238 13.55 38.07 8.48
N LEU B 239 14.05 36.85 8.29
CA LEU B 239 13.38 35.64 8.79
C LEU B 239 13.44 35.54 10.32
N LEU B 240 14.55 36.02 10.89
CA LEU B 240 14.76 35.96 12.34
C LEU B 240 14.50 37.32 13.02
N LYS B 241 13.64 38.13 12.41
CA LYS B 241 13.12 39.34 13.07
C LYS B 241 12.27 38.88 14.25
N LYS B 242 12.53 39.41 15.45
CA LYS B 242 11.82 38.94 16.65
C LYS B 242 10.32 39.28 16.64
N ASP B 243 9.98 40.42 16.05
CA ASP B 243 8.58 40.85 15.91
C ASP B 243 7.98 40.15 14.69
N PRO B 244 6.99 39.24 14.90
CA PRO B 244 6.37 38.55 13.76
C PRO B 244 5.72 39.48 12.72
N LYS B 245 5.20 40.63 13.16
CA LYS B 245 4.59 41.61 12.25
C LYS B 245 5.63 42.22 11.29
N GLN B 246 6.88 42.30 11.75
CA GLN B 246 7.98 42.86 10.96
C GLN B 246 8.80 41.75 10.27
N ARG B 247 8.45 40.47 10.52
CA ARG B 247 9.23 39.35 9.98
C ARG B 247 8.95 39.14 8.50
N LEU B 248 10.00 38.76 7.77
CA LEU B 248 9.87 38.35 6.36
C LEU B 248 8.95 37.14 6.27
N GLY B 249 7.88 37.26 5.49
CA GLY B 249 6.85 36.23 5.40
C GLY B 249 5.68 36.46 6.34
N GLY B 250 5.81 37.42 7.25
CA GLY B 250 4.80 37.68 8.27
C GLY B 250 3.70 38.65 7.87
N GLY B 251 3.76 39.16 6.63
CA GLY B 251 2.70 40.00 6.10
C GLY B 251 1.57 39.18 5.47
N PRO B 252 0.55 39.87 4.94
CA PRO B 252 -0.59 39.18 4.32
C PRO B 252 -0.25 38.36 3.07
N SER B 253 0.85 38.68 2.39
CA SER B 253 1.29 37.92 1.22
C SER B 253 2.12 36.69 1.56
N ASP B 254 2.41 36.48 2.85
CA ASP B 254 3.00 35.23 3.34
C ASP B 254 4.30 34.85 2.60
N ALA B 255 4.32 33.71 1.91
CA ALA B 255 5.54 33.21 1.25
C ALA B 255 6.08 34.15 0.17
N LYS B 256 5.19 34.96 -0.41
CA LYS B 256 5.57 35.87 -1.49
C LYS B 256 6.66 36.84 -1.08
N GLU B 257 6.58 37.35 0.15
CA GLU B 257 7.61 38.25 0.69
C GLU B 257 8.98 37.56 0.73
N VAL B 258 8.98 36.28 1.09
CA VAL B 258 10.22 35.51 1.16
C VAL B 258 10.71 35.19 -0.25
N MET B 259 9.78 34.82 -1.13
CA MET B 259 10.12 34.43 -2.50
C MET B 259 10.71 35.61 -3.28
N GLU B 260 10.19 36.80 -3.02
CA GLU B 260 10.67 38.02 -3.68
C GLU B 260 11.96 38.60 -3.05
N HIS B 261 12.49 37.95 -2.01
CA HIS B 261 13.71 38.43 -1.38
C HIS B 261 14.95 38.25 -2.27
N ARG B 262 15.86 39.22 -2.18
CA ARG B 262 17.04 39.29 -3.05
C ARG B 262 17.99 38.08 -2.94
N PHE B 263 17.96 37.37 -1.82
CA PHE B 263 18.73 36.13 -1.69
C PHE B 263 18.25 35.08 -2.69
N PHE B 264 16.97 35.10 -3.04
CA PHE B 264 16.41 34.13 -3.99
C PHE B 264 16.27 34.73 -5.38
N LEU B 265 17.05 35.78 -5.67
CA LEU B 265 17.04 36.46 -6.97
C LEU B 265 17.19 35.52 -8.15
N SER B 266 18.05 34.51 -8.00
CA SER B 266 18.34 33.54 -9.06
C SER B 266 17.25 32.48 -9.27
N ILE B 267 16.27 32.42 -8.37
CA ILE B 267 15.30 31.33 -8.35
C ILE B 267 14.04 31.66 -9.15
N ASN B 268 13.69 30.76 -10.06
CA ASN B 268 12.38 30.78 -10.71
C ASN B 268 11.50 29.79 -9.95
N TRP B 269 10.45 30.33 -9.32
CA TRP B 269 9.70 29.58 -8.33
C TRP B 269 8.83 28.48 -8.91
N GLN B 270 8.48 28.62 -10.19
CA GLN B 270 7.68 27.63 -10.88
C GLN B 270 8.54 26.43 -11.27
N ASP B 271 9.83 26.66 -11.52
CA ASP B 271 10.81 25.59 -11.71
C ASP B 271 11.04 24.78 -10.44
N VAL B 272 10.99 25.46 -9.29
CA VAL B 272 11.20 24.81 -8.00
C VAL B 272 10.14 23.74 -7.78
N VAL B 273 8.87 24.14 -7.84
CA VAL B 273 7.76 23.20 -7.62
C VAL B 273 7.70 22.08 -8.67
N GLN B 274 8.08 22.41 -9.91
CA GLN B 274 8.13 21.41 -10.99
C GLN B 274 9.38 20.52 -10.94
N LYS B 275 10.17 20.65 -9.87
CA LYS B 275 11.37 19.82 -9.62
C LYS B 275 12.42 19.90 -10.73
N LYS B 276 12.48 21.05 -11.40
CA LYS B 276 13.40 21.25 -12.51
C LYS B 276 14.76 21.77 -12.06
N LEU B 277 14.87 22.21 -10.81
CA LEU B 277 16.17 22.62 -10.25
C LEU B 277 16.99 21.39 -9.89
N LEU B 278 18.27 21.41 -10.23
CA LEU B 278 19.16 20.26 -10.01
C LEU B 278 19.66 20.25 -8.58
N PRO B 279 19.47 19.12 -7.87
CA PRO B 279 20.05 19.01 -6.53
C PRO B 279 21.58 19.06 -6.59
N PRO B 280 22.19 19.97 -5.81
CA PRO B 280 23.65 20.02 -5.77
C PRO B 280 24.28 18.74 -5.22
N PHE B 281 23.62 18.13 -4.24
CA PHE B 281 24.06 16.85 -3.65
C PHE B 281 23.07 15.74 -3.99
N LYS B 282 23.57 14.68 -4.62
CA LYS B 282 22.77 13.49 -4.88
C LYS B 282 23.18 12.37 -3.91
N PRO B 283 22.25 11.91 -3.06
CA PRO B 283 22.56 10.78 -2.17
C PRO B 283 23.15 9.60 -2.94
N GLN B 284 24.31 9.13 -2.50
CA GLN B 284 25.02 8.06 -3.19
C GLN B 284 24.62 6.69 -2.66
N VAL B 285 23.32 6.47 -2.47
CA VAL B 285 22.81 5.17 -2.05
C VAL B 285 22.91 4.23 -3.24
N THR B 286 23.15 2.95 -2.96
CA THR B 286 23.38 1.96 -4.02
C THR B 286 22.39 0.78 -3.98
N SER B 287 21.36 0.89 -3.15
CA SER B 287 20.26 -0.07 -3.12
C SER B 287 19.07 0.55 -2.40
N GLU B 288 17.94 -0.17 -2.39
CA GLU B 288 16.71 0.31 -1.77
C GLU B 288 16.68 0.15 -0.24
N VAL B 289 17.57 -0.70 0.28
CA VAL B 289 17.67 -0.96 1.71
C VAL B 289 18.88 -0.26 2.35
N ASP B 290 19.60 0.51 1.52
CA ASP B 290 20.80 1.22 1.95
C ASP B 290 20.45 2.34 2.94
N THR B 291 20.96 2.23 4.17
CA THR B 291 20.69 3.21 5.23
C THR B 291 21.96 3.96 5.66
N ARG B 292 22.82 4.29 4.71
CA ARG B 292 24.10 4.96 5.01
C ARG B 292 23.93 6.40 5.50
N TYR B 293 22.78 7.00 5.22
CA TYR B 293 22.50 8.38 5.65
C TYR B 293 21.65 8.43 6.90
N PHE B 294 21.67 7.34 7.66
CA PHE B 294 21.01 7.25 8.96
C PHE B 294 22.08 6.84 9.98
N ASP B 295 21.94 7.33 11.20
CA ASP B 295 22.94 7.11 12.24
C ASP B 295 23.01 5.63 12.67
N ASP B 296 24.23 5.12 12.79
CA ASP B 296 24.48 3.75 13.27
C ASP B 296 23.83 3.49 14.62
N GLU B 297 23.81 4.53 15.46
CA GLU B 297 23.13 4.51 16.77
C GLU B 297 21.77 3.80 16.68
N PHE B 298 21.03 4.08 15.61
CA PHE B 298 19.70 3.49 15.41
C PHE B 298 19.72 2.20 14.60
N THR B 299 20.41 2.21 13.46
CA THR B 299 20.38 1.08 12.52
C THR B 299 21.07 -0.17 13.03
N ALA B 300 21.97 -0.01 14.00
CA ALA B 300 22.63 -1.15 14.64
C ALA B 300 21.70 -1.92 15.58
N GLN B 301 20.65 -1.25 16.06
CA GLN B 301 19.74 -1.84 17.05
C GLN B 301 18.85 -2.91 16.43
N SER B 302 18.64 -3.99 17.18
CA SER B 302 17.74 -5.06 16.75
C SER B 302 16.30 -4.65 17.00
N ILE B 303 15.40 -5.08 16.12
CA ILE B 303 13.97 -4.80 16.29
C ILE B 303 13.38 -5.66 17.42
N THR B 304 12.65 -5.02 18.34
CA THR B 304 12.06 -5.71 19.49
C THR B 304 10.67 -5.15 19.84
N ILE B 305 9.72 -6.06 20.03
CA ILE B 305 8.35 -5.68 20.41
C ILE B 305 8.27 -5.48 21.93
N PRO B 307 6.44 -5.15 25.65
CA PRO B 307 5.30 -5.82 26.31
C PRO B 307 4.19 -4.84 26.74
N PRO B 308 2.92 -5.19 26.47
CA PRO B 308 1.82 -4.35 26.95
C PRO B 308 1.55 -4.53 28.45
N ASP B 309 0.58 -3.77 28.98
CA ASP B 309 0.21 -3.85 30.39
C ASP B 309 -0.76 -5.00 30.64
N GLN B 321 -12.85 -3.91 24.75
CA GLN B 321 -13.09 -2.48 24.91
C GLN B 321 -12.53 -1.71 23.72
N ARG B 322 -13.24 -0.66 23.31
CA ARG B 322 -12.84 0.14 22.15
C ARG B 322 -11.72 1.11 22.50
N THR B 323 -10.58 0.96 21.85
CA THR B 323 -9.45 1.88 21.98
C THR B 323 -9.19 2.57 20.64
N HIS B 324 -10.27 2.78 19.89
CA HIS B 324 -10.21 3.20 18.51
C HIS B 324 -9.83 4.67 18.37
N PHE B 325 -8.93 4.95 17.43
CA PHE B 325 -8.59 6.31 17.03
C PHE B 325 -9.24 6.58 15.67
N PRO B 326 -9.90 7.74 15.50
CA PRO B 326 -10.31 8.13 14.14
C PRO B 326 -9.14 8.55 13.26
N GLN B 327 -9.36 8.56 11.94
CA GLN B 327 -8.33 8.91 10.93
C GLN B 327 -7.23 7.84 10.73
N PHE B 328 -7.36 6.68 11.37
CA PHE B 328 -6.38 5.59 11.20
C PHE B 328 -7.04 4.35 10.62
N ASP B 329 -7.58 4.54 9.43
CA ASP B 329 -8.02 3.44 8.57
C ASP B 329 -7.92 3.96 7.12
N TYR B 330 -6.81 4.65 6.84
CA TYR B 330 -6.58 5.34 5.56
C TYR B 330 -5.65 4.56 4.63
N SER B 331 -5.95 4.65 3.33
CA SER B 331 -5.09 4.12 2.29
C SER B 331 -5.11 5.08 1.11
N ALA B 332 -3.93 5.36 0.55
CA ALA B 332 -3.81 6.26 -0.60
C ALA B 332 -4.51 5.74 -1.86
N SER B 333 -4.66 4.42 -1.94
CA SER B 333 -5.38 3.78 -3.06
C SER B 333 -6.88 4.01 -2.99
N ILE B 334 -7.40 4.24 -1.78
CA ILE B 334 -8.84 4.27 -1.53
C ILE B 334 -9.42 5.70 -1.43
N ARG B 335 -8.60 6.67 -1.01
CA ARG B 335 -8.98 8.09 -1.11
C ARG B 335 -7.87 8.96 -1.65
#